data_5IWL
#
_entry.id   5IWL
#
_cell.length_a   103.280
_cell.length_b   103.280
_cell.length_c   131.130
_cell.angle_alpha   90.000
_cell.angle_beta   90.000
_cell.angle_gamma   120.000
#
_symmetry.space_group_name_H-M   'P 32 2 1'
#
loop_
_entity.id
_entity.type
_entity.pdbx_description
1 polymer '5F9 diabody'
2 polymer 'Leukocyte surface antigen CD47'
3 non-polymer 2-acetamido-2-deoxy-beta-D-glucopyranose
4 non-polymer 'TRIETHYLENE GLYCOL'
5 water water
#
loop_
_entity_poly.entity_id
_entity_poly.type
_entity_poly.pdbx_seq_one_letter_code
_entity_poly.pdbx_strand_id
1 'polypeptide(L)'
;(PCA)VQLVQSGAEVKKPGASVKVSCKASGYTFTNYNMHWVRQAPGQRLEWMGTIYPGNDDTSYNQKFKDRVTITADTSA
STAYMELSSLRSEDTAVYYCARGGYRAMDYWGQGTLVTVSSGGSGGDIVMTQSPLSLPVTPGEPASISCRSSQSIVYSNG
NTYLGWYLQKPGQSPQLLIYKVSNRFSGVPDRFSGSGSGTDFTLKISRVEAEDVGVYYCFQGSHVPYTFGQGTKLEIK
;
B,A
2 'polypeptide(L)'
;(PCA)LLFNKTKSVDFTFGNDTVVIPCFVTNMEAQNTTEVYVKWKFKGRDIYTFDGALNKSTVPTDFSSAKIEVSQLLKG
DASLKMDKSDAVSHTGNYTCEVTELTREGETIIELKYR
;
C,D
#
loop_
_chem_comp.id
_chem_comp.type
_chem_comp.name
_chem_comp.formula
NAG D-saccharide, beta linking 2-acetamido-2-deoxy-beta-D-glucopyranose 'C8 H15 N O6'
PGE non-polymer 'TRIETHYLENE GLYCOL' 'C6 H14 O4'
#
# COMPACT_ATOMS: atom_id res chain seq x y z
N PCA A 1 -20.01 -16.27 -26.61
CA PCA A 1 -20.24 -16.95 -25.33
CB PCA A 1 -20.55 -18.42 -25.56
CG PCA A 1 -20.14 -18.75 -26.98
CD PCA A 1 -19.95 -17.38 -27.58
OE PCA A 1 -19.75 -17.22 -28.79
C PCA A 1 -19.04 -16.81 -24.41
O PCA A 1 -18.55 -17.80 -23.85
N VAL A 2 -18.55 -15.59 -24.28
CA VAL A 2 -17.32 -15.30 -23.56
C VAL A 2 -17.44 -15.63 -22.08
N GLN A 3 -16.50 -16.40 -21.57
CA GLN A 3 -16.50 -16.75 -20.16
C GLN A 3 -15.05 -16.83 -19.68
N LEU A 4 -14.78 -16.18 -18.56
CA LEU A 4 -13.46 -16.18 -17.93
C LEU A 4 -13.56 -16.89 -16.60
N VAL A 5 -12.78 -17.97 -16.44
CA VAL A 5 -12.80 -18.79 -15.25
C VAL A 5 -11.44 -18.70 -14.58
N GLN A 6 -11.43 -18.50 -13.27
CA GLN A 6 -10.22 -18.34 -12.48
C GLN A 6 -10.06 -19.52 -11.53
N SER A 7 -8.85 -19.64 -10.97
CA SER A 7 -8.57 -20.73 -10.05
C SER A 7 -9.37 -20.56 -8.75
N GLY A 8 -9.24 -21.56 -7.86
CA GLY A 8 -9.95 -21.51 -6.60
C GLY A 8 -9.29 -20.59 -5.58
N ALA A 9 -10.04 -20.28 -4.52
CA ALA A 9 -9.53 -19.40 -3.49
C ALA A 9 -8.33 -20.04 -2.79
N GLU A 10 -7.37 -19.20 -2.41
CA GLU A 10 -6.15 -19.67 -1.77
C GLU A 10 -5.92 -18.93 -0.46
N VAL A 11 -5.31 -19.64 0.48
CA VAL A 11 -5.00 -19.11 1.80
C VAL A 11 -3.51 -19.34 2.05
N LYS A 12 -2.75 -18.26 2.17
CA LYS A 12 -1.30 -18.34 2.25
C LYS A 12 -0.80 -17.61 3.47
N LYS A 13 0.40 -17.99 3.90
CA LYS A 13 1.09 -17.30 4.98
C LYS A 13 1.85 -16.11 4.41
N PRO A 14 2.11 -15.09 5.22
CA PRO A 14 2.81 -13.91 4.71
C PRO A 14 4.22 -14.25 4.26
N GLY A 15 4.72 -13.44 3.32
CA GLY A 15 5.97 -13.72 2.66
C GLY A 15 5.89 -14.76 1.56
N ALA A 16 4.71 -15.33 1.32
CA ALA A 16 4.53 -16.37 0.32
C ALA A 16 4.18 -15.76 -1.03
N SER A 17 3.85 -16.63 -1.99
CA SER A 17 3.43 -16.22 -3.32
C SER A 17 2.19 -17.00 -3.73
N VAL A 18 1.33 -16.35 -4.50
CA VAL A 18 0.13 -16.95 -5.07
C VAL A 18 0.23 -16.88 -6.58
N LYS A 19 -0.21 -17.93 -7.26
CA LYS A 19 -0.38 -17.90 -8.70
C LYS A 19 -1.85 -18.16 -9.00
N VAL A 20 -2.55 -17.12 -9.44
CA VAL A 20 -3.96 -17.19 -9.80
C VAL A 20 -4.06 -17.31 -11.31
N SER A 21 -4.77 -18.33 -11.79
CA SER A 21 -4.93 -18.54 -13.23
C SER A 21 -6.27 -18.00 -13.70
N CYS A 22 -6.41 -17.92 -15.03
CA CYS A 22 -7.58 -17.31 -15.65
C CYS A 22 -7.80 -18.00 -16.99
N LYS A 23 -8.71 -18.97 -17.02
CA LYS A 23 -9.03 -19.68 -18.25
C LYS A 23 -10.03 -18.87 -19.07
N ALA A 24 -9.70 -18.64 -20.34
CA ALA A 24 -10.58 -17.94 -21.26
C ALA A 24 -11.14 -18.91 -22.29
N SER A 25 -12.38 -18.67 -22.71
CA SER A 25 -13.00 -19.44 -23.78
C SER A 25 -14.10 -18.59 -24.41
N GLY A 26 -14.53 -19.02 -25.59
CA GLY A 26 -15.55 -18.31 -26.33
C GLY A 26 -15.06 -17.19 -27.20
N TYR A 27 -13.74 -16.94 -27.24
CA TYR A 27 -13.18 -15.89 -28.06
C TYR A 27 -11.72 -16.20 -28.35
N THR A 28 -11.17 -15.54 -29.36
CA THR A 28 -9.79 -15.73 -29.74
C THR A 28 -8.87 -15.09 -28.71
N PHE A 29 -8.04 -15.90 -28.06
CA PHE A 29 -7.23 -15.42 -26.95
C PHE A 29 -6.14 -14.45 -27.40
N THR A 30 -5.62 -14.64 -28.61
CA THR A 30 -4.42 -13.93 -29.05
C THR A 30 -4.69 -12.50 -29.52
N ASN A 31 -5.95 -12.10 -29.68
CA ASN A 31 -6.26 -10.74 -30.11
C ASN A 31 -7.04 -9.97 -29.03
N TYR A 32 -6.72 -10.22 -27.77
CA TYR A 32 -7.29 -9.47 -26.66
C TYR A 32 -6.25 -9.34 -25.56
N ASN A 33 -6.42 -8.33 -24.72
CA ASN A 33 -5.59 -8.14 -23.54
C ASN A 33 -6.21 -8.85 -22.34
N MET A 34 -5.42 -9.00 -21.29
CA MET A 34 -5.87 -9.58 -20.03
C MET A 34 -5.46 -8.67 -18.89
N HIS A 35 -6.44 -8.15 -18.17
CA HIS A 35 -6.17 -7.26 -17.05
C HIS A 35 -6.37 -8.00 -15.73
N TRP A 36 -5.68 -7.52 -14.70
CA TRP A 36 -5.77 -8.08 -13.35
C TRP A 36 -6.10 -6.95 -12.38
N VAL A 37 -7.27 -7.03 -11.77
CA VAL A 37 -7.76 -6.04 -10.82
C VAL A 37 -8.06 -6.75 -9.50
N ARG A 38 -7.61 -6.17 -8.39
CA ARG A 38 -7.93 -6.68 -7.07
C ARG A 38 -8.86 -5.72 -6.35
N GLN A 39 -9.51 -6.23 -5.31
CA GLN A 39 -10.41 -5.42 -4.48
C GLN A 39 -10.26 -5.88 -3.04
N ALA A 40 -9.59 -5.07 -2.22
CA ALA A 40 -9.46 -5.38 -0.82
C ALA A 40 -10.82 -5.33 -0.13
N PRO A 41 -11.00 -6.06 0.97
CA PRO A 41 -12.31 -6.09 1.64
C PRO A 41 -12.74 -4.70 2.09
N GLY A 42 -13.83 -4.21 1.51
CA GLY A 42 -14.35 -2.91 1.84
C GLY A 42 -13.66 -1.75 1.17
N GLN A 43 -12.88 -1.99 0.13
CA GLN A 43 -12.18 -0.90 -0.56
C GLN A 43 -12.59 -0.84 -2.02
N ARG A 44 -11.86 -0.06 -2.81
CA ARG A 44 -12.15 0.12 -4.21
C ARG A 44 -11.36 -0.87 -5.06
N LEU A 45 -11.75 -0.99 -6.32
CA LEU A 45 -10.98 -1.77 -7.27
C LEU A 45 -9.62 -1.14 -7.49
N GLU A 46 -8.60 -1.97 -7.70
CA GLU A 46 -7.23 -1.51 -7.93
C GLU A 46 -6.64 -2.26 -9.11
N TRP A 47 -6.22 -1.51 -10.13
CA TRP A 47 -5.66 -2.11 -11.34
C TRP A 47 -4.19 -2.49 -11.12
N MET A 48 -3.84 -3.74 -11.42
CA MET A 48 -2.51 -4.25 -11.14
C MET A 48 -1.62 -4.36 -12.36
N GLY A 49 -2.18 -4.63 -13.53
CA GLY A 49 -1.37 -4.81 -14.71
C GLY A 49 -2.18 -5.42 -15.83
N THR A 50 -1.49 -5.63 -16.96
CA THR A 50 -2.13 -6.18 -18.14
C THR A 50 -1.07 -6.85 -19.02
N ILE A 51 -1.54 -7.72 -19.90
CA ILE A 51 -0.66 -8.44 -20.81
C ILE A 51 -1.36 -8.60 -22.15
N TYR A 52 -0.59 -8.48 -23.23
CA TYR A 52 -1.11 -8.82 -24.56
C TYR A 52 -0.52 -10.17 -24.95
N PRO A 53 -1.30 -11.26 -24.90
CA PRO A 53 -0.73 -12.59 -25.21
C PRO A 53 -0.24 -12.76 -26.65
N GLY A 54 -0.44 -11.77 -27.53
CA GLY A 54 0.13 -11.85 -28.86
C GLY A 54 1.65 -11.85 -28.83
N ASN A 55 2.24 -10.85 -28.18
CA ASN A 55 3.69 -10.75 -28.06
C ASN A 55 4.15 -10.68 -26.61
N ASP A 56 3.30 -11.11 -25.67
CA ASP A 56 3.60 -11.08 -24.23
C ASP A 56 4.07 -9.71 -23.76
N ASP A 57 3.54 -8.67 -24.39
CA ASP A 57 3.81 -7.30 -23.99
C ASP A 57 3.02 -6.98 -22.71
N THR A 58 3.71 -6.58 -21.66
CA THR A 58 3.07 -6.32 -20.38
C THR A 58 3.24 -4.86 -19.96
N SER A 59 2.31 -4.40 -19.14
CA SER A 59 2.38 -3.08 -18.51
C SER A 59 1.92 -3.23 -17.07
N TYR A 60 2.82 -2.99 -16.13
CA TYR A 60 2.56 -3.23 -14.72
C TYR A 60 2.29 -1.92 -13.99
N ASN A 61 1.44 -2.01 -12.96
CA ASN A 61 1.32 -0.96 -11.96
C ASN A 61 2.57 -0.97 -11.09
N GLN A 62 3.23 0.19 -10.98
CA GLN A 62 4.50 0.24 -10.26
C GLN A 62 4.36 0.03 -8.76
N LYS A 63 3.13 -0.01 -8.23
CA LYS A 63 2.95 -0.38 -6.83
C LYS A 63 3.31 -1.84 -6.59
N PHE A 64 3.20 -2.68 -7.61
CA PHE A 64 3.51 -4.10 -7.48
C PHE A 64 4.80 -4.48 -8.20
N LYS A 65 5.68 -3.52 -8.47
CA LYS A 65 6.94 -3.82 -9.15
C LYS A 65 7.75 -4.84 -8.35
N ASP A 66 8.29 -5.81 -9.08
CA ASP A 66 9.12 -6.88 -8.51
C ASP A 66 8.34 -7.77 -7.54
N ARG A 67 7.01 -7.75 -7.61
CA ARG A 67 6.21 -8.65 -6.79
C ARG A 67 5.17 -9.36 -7.63
N VAL A 68 4.77 -8.74 -8.74
CA VAL A 68 3.75 -9.28 -9.63
C VAL A 68 4.41 -9.64 -10.95
N THR A 69 4.10 -10.84 -11.44
CA THR A 69 4.45 -11.27 -12.79
C THR A 69 3.17 -11.77 -13.44
N ILE A 70 2.89 -11.29 -14.65
CA ILE A 70 1.68 -11.65 -15.38
C ILE A 70 2.10 -12.35 -16.67
N THR A 71 1.81 -13.63 -16.76
CA THR A 71 2.16 -14.45 -17.92
C THR A 71 0.90 -14.83 -18.69
N ALA A 72 1.09 -15.55 -19.79
CA ALA A 72 -0.03 -16.05 -20.57
C ALA A 72 0.40 -17.29 -21.33
N ASP A 73 -0.53 -18.22 -21.49
CA ASP A 73 -0.33 -19.46 -22.25
C ASP A 73 -1.33 -19.44 -23.40
N THR A 74 -0.87 -19.09 -24.60
CA THR A 74 -1.77 -18.92 -25.73
C THR A 74 -2.37 -20.24 -26.20
N SER A 75 -1.64 -21.34 -26.02
CA SER A 75 -2.18 -22.65 -26.40
C SER A 75 -3.17 -23.19 -25.37
N ALA A 76 -3.24 -22.58 -24.19
CA ALA A 76 -4.15 -22.98 -23.14
C ALA A 76 -5.24 -21.95 -22.89
N SER A 77 -5.19 -20.81 -23.61
CA SER A 77 -6.13 -19.71 -23.42
C SER A 77 -6.24 -19.30 -21.95
N THR A 78 -5.11 -19.38 -21.25
CA THR A 78 -5.06 -19.15 -19.81
C THR A 78 -4.05 -18.04 -19.52
N ALA A 79 -4.48 -17.06 -18.72
CA ALA A 79 -3.60 -16.03 -18.19
C ALA A 79 -3.31 -16.34 -16.72
N TYR A 80 -2.16 -15.86 -16.25
CA TYR A 80 -1.72 -16.10 -14.89
C TYR A 80 -1.26 -14.79 -14.25
N MET A 81 -1.33 -14.74 -12.92
CA MET A 81 -0.87 -13.60 -12.14
C MET A 81 -0.20 -14.13 -10.88
N GLU A 82 1.10 -13.87 -10.73
CA GLU A 82 1.85 -14.36 -9.59
C GLU A 82 2.27 -13.18 -8.72
N LEU A 83 1.76 -13.15 -7.49
CA LEU A 83 2.05 -12.10 -6.53
C LEU A 83 2.85 -12.70 -5.38
N SER A 84 4.14 -12.39 -5.32
CA SER A 84 5.04 -12.91 -4.31
C SER A 84 5.22 -11.91 -3.17
N SER A 85 5.92 -12.36 -2.13
CA SER A 85 6.18 -11.55 -0.93
C SER A 85 4.90 -10.99 -0.35
N LEU A 86 3.93 -11.87 -0.12
CA LEU A 86 2.61 -11.45 0.32
C LEU A 86 2.66 -10.83 1.71
N ARG A 87 1.88 -9.77 1.90
CA ARG A 87 1.67 -9.18 3.20
C ARG A 87 0.17 -9.03 3.42
N SER A 88 -0.22 -8.60 4.62
CA SER A 88 -1.62 -8.60 4.99
C SER A 88 -2.45 -7.66 4.13
N GLU A 89 -1.85 -6.56 3.65
CA GLU A 89 -2.55 -5.66 2.74
C GLU A 89 -2.95 -6.33 1.43
N ASP A 90 -2.35 -7.48 1.10
CA ASP A 90 -2.64 -8.16 -0.15
C ASP A 90 -3.86 -9.07 -0.08
N THR A 91 -4.44 -9.25 1.10
CA THR A 91 -5.69 -10.00 1.24
C THR A 91 -6.80 -9.28 0.48
N ALA A 92 -7.27 -9.89 -0.61
CA ALA A 92 -8.20 -9.24 -1.50
C ALA A 92 -8.78 -10.28 -2.44
N VAL A 93 -9.82 -9.87 -3.18
CA VAL A 93 -10.37 -10.67 -4.27
C VAL A 93 -9.69 -10.21 -5.56
N TYR A 94 -9.12 -11.16 -6.30
CA TYR A 94 -8.34 -10.88 -7.50
C TYR A 94 -9.14 -11.30 -8.73
N TYR A 95 -9.45 -10.32 -9.59
CA TYR A 95 -10.18 -10.57 -10.82
C TYR A 95 -9.25 -10.55 -12.02
N CYS A 96 -9.60 -11.33 -13.03
CA CYS A 96 -9.02 -11.22 -14.35
C CYS A 96 -10.11 -10.79 -15.32
N ALA A 97 -9.79 -9.84 -16.19
CA ALA A 97 -10.78 -9.27 -17.08
C ALA A 97 -10.22 -9.19 -18.49
N ARG A 98 -10.99 -9.64 -19.46
CA ARG A 98 -10.63 -9.39 -20.84
C ARG A 98 -10.82 -7.91 -21.15
N GLY A 99 -10.19 -7.46 -22.23
CA GLY A 99 -10.33 -6.09 -22.66
C GLY A 99 -9.24 -5.71 -23.63
N GLY A 100 -9.27 -4.43 -24.01
CA GLY A 100 -8.27 -3.85 -24.88
C GLY A 100 -7.17 -3.20 -24.08
N TYR A 101 -6.43 -2.31 -24.74
CA TYR A 101 -5.25 -1.73 -24.10
C TYR A 101 -5.62 -0.93 -22.86
N ARG A 102 -6.81 -0.30 -22.85
CA ARG A 102 -7.16 0.69 -21.83
C ARG A 102 -8.58 0.54 -21.27
N ALA A 103 -9.19 -0.64 -21.39
CA ALA A 103 -10.52 -0.85 -20.84
C ALA A 103 -10.79 -2.34 -20.72
N MET A 104 -11.55 -2.71 -19.68
CA MET A 104 -11.97 -4.08 -19.46
C MET A 104 -13.44 -4.24 -19.78
N ASP A 105 -13.81 -5.41 -20.29
CA ASP A 105 -15.20 -5.70 -20.63
C ASP A 105 -15.74 -6.88 -19.83
N TYR A 106 -15.30 -8.10 -20.12
CA TYR A 106 -15.79 -9.29 -19.42
C TYR A 106 -14.80 -9.70 -18.34
N TRP A 107 -15.31 -9.93 -17.13
CA TRP A 107 -14.52 -10.24 -15.96
C TRP A 107 -14.68 -11.70 -15.56
N GLY A 108 -13.65 -12.25 -14.91
CA GLY A 108 -13.76 -13.54 -14.26
C GLY A 108 -14.56 -13.44 -12.99
N GLN A 109 -14.73 -14.60 -12.34
CA GLN A 109 -15.55 -14.65 -11.13
C GLN A 109 -14.80 -14.20 -9.89
N GLY A 110 -13.51 -13.90 -10.01
CA GLY A 110 -12.72 -13.49 -8.86
C GLY A 110 -12.07 -14.67 -8.15
N THR A 111 -10.99 -14.36 -7.44
CA THR A 111 -10.28 -15.35 -6.63
C THR A 111 -9.94 -14.71 -5.30
N LEU A 112 -10.39 -15.34 -4.22
CA LEU A 112 -10.08 -14.84 -2.89
C LEU A 112 -8.68 -15.31 -2.48
N VAL A 113 -7.81 -14.37 -2.16
CA VAL A 113 -6.50 -14.67 -1.59
C VAL A 113 -6.47 -14.05 -0.19
N THR A 114 -6.30 -14.89 0.81
CA THR A 114 -6.29 -14.48 2.22
C THR A 114 -4.92 -14.76 2.80
N VAL A 115 -4.35 -13.76 3.46
CA VAL A 115 -3.01 -13.88 4.03
C VAL A 115 -3.15 -14.19 5.52
N SER A 116 -2.83 -15.42 5.89
CA SER A 116 -3.04 -15.94 7.23
C SER A 116 -1.95 -15.43 8.19
N SER A 117 -1.82 -16.07 9.33
CA SER A 117 -0.82 -15.73 10.34
C SER A 117 0.18 -16.86 10.50
N GLY A 118 1.33 -16.52 11.08
CA GLY A 118 2.37 -17.49 11.37
C GLY A 118 3.61 -17.37 10.51
N GLY A 119 3.62 -16.49 9.51
CA GLY A 119 4.75 -16.32 8.62
C GLY A 119 5.54 -15.06 8.95
N SER A 120 6.70 -14.96 8.30
CA SER A 120 7.60 -13.83 8.53
C SER A 120 7.19 -12.64 7.67
N GLY A 121 7.03 -11.48 8.32
CA GLY A 121 6.72 -10.25 7.64
C GLY A 121 5.24 -9.91 7.54
N GLY A 122 4.40 -10.55 8.33
CA GLY A 122 2.96 -10.34 8.27
C GLY A 122 2.48 -9.43 9.37
N ASP A 123 1.53 -8.54 9.03
CA ASP A 123 0.96 -7.65 10.02
C ASP A 123 0.25 -8.44 11.11
N ILE A 124 0.44 -8.03 12.35
CA ILE A 124 -0.33 -8.56 13.47
C ILE A 124 -1.51 -7.63 13.67
N VAL A 125 -2.72 -8.13 13.39
CA VAL A 125 -3.90 -7.28 13.29
C VAL A 125 -4.21 -6.71 14.68
N MET A 126 -3.93 -5.42 14.86
CA MET A 126 -4.29 -4.72 16.09
C MET A 126 -5.67 -4.10 15.89
N THR A 127 -6.65 -4.59 16.65
CA THR A 127 -8.03 -4.15 16.53
C THR A 127 -8.46 -3.50 17.84
N GLN A 128 -9.01 -2.28 17.74
CA GLN A 128 -9.44 -1.52 18.90
C GLN A 128 -10.95 -1.31 18.82
N SER A 129 -11.63 -1.59 19.92
CA SER A 129 -13.03 -1.20 20.05
C SER A 129 -13.21 -0.52 21.41
N PRO A 130 -13.97 0.58 21.45
CA PRO A 130 -14.67 1.15 20.29
C PRO A 130 -13.80 2.07 19.44
N LEU A 131 -14.32 2.45 18.28
CA LEU A 131 -13.64 3.45 17.47
C LEU A 131 -13.90 4.86 18.00
N SER A 132 -15.07 5.10 18.59
CA SER A 132 -15.42 6.38 19.17
C SER A 132 -15.91 6.17 20.59
N LEU A 133 -15.41 7.03 21.51
CA LEU A 133 -15.73 6.91 22.93
C LEU A 133 -16.08 8.30 23.47
N PRO A 134 -17.36 8.63 23.55
CA PRO A 134 -17.77 9.86 24.23
C PRO A 134 -17.90 9.63 25.73
N VAL A 135 -17.56 10.65 26.50
CA VAL A 135 -17.53 10.53 27.97
C VAL A 135 -17.51 11.93 28.56
N THR A 136 -18.19 12.09 29.73
CA THR A 136 -18.15 13.36 30.46
C THR A 136 -16.98 13.38 31.43
N PRO A 137 -16.46 14.57 31.73
CA PRO A 137 -15.30 14.65 32.63
C PRO A 137 -15.59 14.03 33.99
N GLY A 138 -14.59 13.33 34.52
CA GLY A 138 -14.72 12.60 35.77
C GLY A 138 -15.19 11.17 35.59
N GLU A 139 -16.02 10.91 34.58
CA GLU A 139 -16.47 9.56 34.33
C GLU A 139 -15.33 8.72 33.76
N PRO A 140 -15.16 7.48 34.23
CA PRO A 140 -14.08 6.64 33.70
C PRO A 140 -14.36 6.19 32.26
N ALA A 141 -13.29 5.77 31.61
CA ALA A 141 -13.35 5.26 30.24
C ALA A 141 -12.45 4.03 30.12
N SER A 142 -12.69 3.24 29.07
CA SER A 142 -11.98 1.97 28.88
C SER A 142 -11.86 1.68 27.39
N ILE A 143 -10.65 1.35 26.94
CA ILE A 143 -10.36 1.03 25.55
C ILE A 143 -9.70 -0.34 25.49
N SER A 144 -10.19 -1.21 24.62
CA SER A 144 -9.68 -2.56 24.47
C SER A 144 -8.93 -2.70 23.15
N CYS A 145 -7.87 -3.49 23.16
CA CYS A 145 -7.02 -3.72 22.00
C CYS A 145 -6.72 -5.21 21.90
N ARG A 146 -7.10 -5.82 20.78
CA ARG A 146 -6.90 -7.24 20.56
C ARG A 146 -5.97 -7.45 19.36
N SER A 147 -5.04 -8.39 19.49
CA SER A 147 -4.05 -8.67 18.47
C SER A 147 -4.31 -10.05 17.86
N SER A 148 -3.96 -10.19 16.58
CA SER A 148 -4.25 -11.42 15.87
C SER A 148 -3.41 -12.59 16.39
N GLN A 149 -2.17 -12.32 16.76
CA GLN A 149 -1.27 -13.32 17.34
C GLN A 149 -0.79 -12.82 18.71
N SER A 150 0.00 -13.65 19.39
CA SER A 150 0.52 -13.30 20.71
C SER A 150 1.63 -12.26 20.59
N ILE A 151 1.55 -11.23 21.43
CA ILE A 151 2.55 -10.17 21.46
C ILE A 151 3.68 -10.58 22.41
N VAL A 152 3.70 -11.84 22.81
CA VAL A 152 4.76 -12.33 23.70
C VAL A 152 5.99 -12.63 22.85
N TYR A 153 7.05 -11.86 23.05
CA TYR A 153 8.29 -12.05 22.34
C TYR A 153 9.02 -13.28 22.87
N SER A 154 10.13 -13.64 22.23
CA SER A 154 10.88 -14.84 22.60
C SER A 154 11.54 -14.72 23.97
N ASN A 155 11.73 -13.52 24.49
CA ASN A 155 12.33 -13.33 25.80
C ASN A 155 11.29 -13.28 26.93
N GLY A 156 10.00 -13.43 26.61
CA GLY A 156 8.95 -13.44 27.61
C GLY A 156 8.29 -12.10 27.83
N ASN A 157 8.89 -11.00 27.37
CA ASN A 157 8.26 -9.70 27.48
C ASN A 157 7.19 -9.52 26.43
N THR A 158 6.23 -8.63 26.70
CA THR A 158 5.17 -8.30 25.77
C THR A 158 5.28 -6.81 25.45
N TYR A 159 5.61 -6.50 24.20
CA TYR A 159 5.94 -5.13 23.80
C TYR A 159 4.72 -4.45 23.18
N LEU A 160 3.69 -4.29 24.02
CA LEU A 160 2.48 -3.58 23.63
C LEU A 160 2.51 -2.19 24.24
N GLY A 161 2.43 -1.18 23.37
CA GLY A 161 2.41 0.20 23.82
C GLY A 161 1.09 0.90 23.54
N TRP A 162 0.85 2.03 24.20
CA TRP A 162 -0.33 2.83 24.00
C TRP A 162 0.08 4.26 23.70
N TYR A 163 -0.48 4.84 22.64
CA TYR A 163 -0.10 6.16 22.16
C TYR A 163 -1.32 7.06 22.08
N LEU A 164 -1.20 8.28 22.61
CA LEU A 164 -2.23 9.30 22.49
C LEU A 164 -1.78 10.36 21.50
N GLN A 165 -2.63 10.65 20.52
CA GLN A 165 -2.42 11.73 19.57
C GLN A 165 -3.51 12.77 19.81
N LYS A 166 -3.19 13.78 20.61
CA LYS A 166 -4.12 14.88 20.84
C LYS A 166 -4.30 15.66 19.53
N PRO A 167 -5.49 16.21 19.29
CA PRO A 167 -5.78 16.85 18.00
C PRO A 167 -4.85 18.03 17.74
N GLY A 168 -4.15 17.98 16.61
CA GLY A 168 -3.20 19.00 16.25
C GLY A 168 -1.80 18.81 16.79
N GLN A 169 -1.51 17.66 17.40
CA GLN A 169 -0.22 17.41 18.00
C GLN A 169 0.32 16.07 17.54
N SER A 170 1.62 15.90 17.75
CA SER A 170 2.25 14.62 17.46
C SER A 170 1.80 13.57 18.47
N PRO A 171 2.02 12.30 18.16
CA PRO A 171 1.70 11.25 19.15
C PRO A 171 2.61 11.32 20.36
N GLN A 172 2.12 10.80 21.49
CA GLN A 172 2.90 10.75 22.71
C GLN A 172 2.70 9.39 23.37
N LEU A 173 3.75 8.92 24.04
CA LEU A 173 3.72 7.60 24.68
C LEU A 173 2.96 7.68 26.00
N LEU A 174 2.08 6.71 26.22
CA LEU A 174 1.35 6.56 27.47
C LEU A 174 1.85 5.35 28.25
N ILE A 175 1.63 4.14 27.73
CA ILE A 175 2.00 2.91 28.40
C ILE A 175 2.98 2.16 27.50
N TYR A 176 4.00 1.55 28.12
CA TYR A 176 4.91 0.65 27.43
C TYR A 176 4.91 -0.69 28.16
N LYS A 177 5.13 -1.77 27.39
CA LYS A 177 5.12 -3.12 27.94
C LYS A 177 3.81 -3.43 28.66
N VAL A 178 2.70 -3.20 27.97
CA VAL A 178 1.35 -3.55 28.42
C VAL A 178 0.86 -2.70 29.58
N SER A 179 1.67 -2.58 30.64
CA SER A 179 1.17 -2.00 31.88
C SER A 179 2.04 -0.91 32.50
N ASN A 180 3.26 -0.67 32.00
CA ASN A 180 4.19 0.27 32.62
C ASN A 180 3.92 1.68 32.15
N ARG A 181 3.55 2.56 33.08
CA ARG A 181 3.35 3.97 32.77
C ARG A 181 4.66 4.65 32.41
N PHE A 182 4.58 5.63 31.51
CA PHE A 182 5.75 6.39 31.11
C PHE A 182 6.05 7.44 32.19
N SER A 183 6.95 8.37 31.88
CA SER A 183 7.48 9.27 32.89
C SER A 183 6.44 10.30 33.34
N GLY A 184 6.04 11.19 32.44
CA GLY A 184 5.13 12.25 32.81
C GLY A 184 3.65 11.89 32.77
N VAL A 185 3.29 10.63 32.57
CA VAL A 185 1.86 10.35 32.42
C VAL A 185 1.21 10.32 33.80
N PRO A 186 -0.02 10.79 33.97
CA PRO A 186 -0.65 10.76 35.29
C PRO A 186 -0.96 9.33 35.71
N ASP A 187 -1.31 9.20 36.99
CA ASP A 187 -1.70 7.92 37.56
C ASP A 187 -3.08 7.47 37.10
N ARG A 188 -3.79 8.28 36.31
CA ARG A 188 -5.15 7.91 35.90
C ARG A 188 -5.12 6.79 34.87
N PHE A 189 -4.15 6.81 33.97
CA PHE A 189 -4.06 5.83 32.89
C PHE A 189 -3.53 4.50 33.43
N SER A 190 -4.18 3.41 33.04
CA SER A 190 -3.84 2.08 33.53
C SER A 190 -3.84 1.11 32.35
N GLY A 191 -2.74 0.38 32.20
CA GLY A 191 -2.61 -0.61 31.15
C GLY A 191 -2.61 -2.01 31.75
N SER A 192 -3.19 -2.95 31.02
CA SER A 192 -3.30 -4.32 31.50
C SER A 192 -3.60 -5.23 30.32
N GLY A 193 -3.51 -6.53 30.58
CA GLY A 193 -3.77 -7.55 29.58
C GLY A 193 -2.62 -8.52 29.46
N SER A 194 -2.88 -9.58 28.70
CA SER A 194 -1.86 -10.59 28.39
C SER A 194 -2.31 -11.38 27.18
N GLY A 195 -1.34 -12.04 26.54
CA GLY A 195 -1.62 -12.85 25.38
C GLY A 195 -2.01 -12.02 24.17
N THR A 196 -3.31 -12.00 23.85
CA THR A 196 -3.82 -11.20 22.75
C THR A 196 -4.83 -10.13 23.16
N ASP A 197 -5.21 -10.08 24.43
CA ASP A 197 -6.22 -9.14 24.90
C ASP A 197 -5.55 -8.08 25.77
N PHE A 198 -5.74 -6.81 25.42
CA PHE A 198 -5.15 -5.70 26.15
C PHE A 198 -6.19 -4.60 26.32
N THR A 199 -6.12 -3.91 27.45
CA THR A 199 -7.09 -2.88 27.80
C THR A 199 -6.38 -1.66 28.38
N LEU A 200 -6.73 -0.48 27.88
CA LEU A 200 -6.31 0.79 28.48
C LEU A 200 -7.49 1.36 29.26
N LYS A 201 -7.21 1.85 30.47
CA LYS A 201 -8.26 2.33 31.37
C LYS A 201 -7.91 3.71 31.89
N ILE A 202 -8.87 4.63 31.79
CA ILE A 202 -8.74 5.99 32.32
C ILE A 202 -9.71 6.11 33.49
N SER A 203 -9.18 6.40 34.68
CA SER A 203 -10.03 6.45 35.86
C SER A 203 -10.89 7.71 35.89
N ARG A 204 -10.31 8.87 35.55
CA ARG A 204 -11.03 10.13 35.55
C ARG A 204 -10.67 10.88 34.28
N VAL A 205 -11.61 10.95 33.34
CA VAL A 205 -11.36 11.61 32.07
C VAL A 205 -11.35 13.12 32.27
N GLU A 206 -10.32 13.78 31.77
CA GLU A 206 -10.16 15.23 31.86
C GLU A 206 -10.32 15.87 30.48
N ALA A 207 -10.45 17.19 30.48
CA ALA A 207 -10.60 17.92 29.23
C ALA A 207 -9.35 17.93 28.37
N GLU A 208 -8.20 17.52 28.93
CA GLU A 208 -6.95 17.47 28.18
C GLU A 208 -6.66 16.09 27.60
N ASP A 209 -7.55 15.11 27.84
CA ASP A 209 -7.37 13.75 27.33
C ASP A 209 -7.99 13.53 25.96
N VAL A 210 -8.62 14.55 25.39
CA VAL A 210 -9.26 14.41 24.09
C VAL A 210 -8.21 14.13 23.03
N GLY A 211 -8.45 13.13 22.19
CA GLY A 211 -7.50 12.76 21.17
C GLY A 211 -7.80 11.36 20.64
N VAL A 212 -6.86 10.86 19.83
CA VAL A 212 -6.97 9.54 19.22
C VAL A 212 -5.94 8.61 19.85
N TYR A 213 -6.39 7.45 20.28
CA TYR A 213 -5.55 6.48 21.02
C TYR A 213 -5.20 5.31 20.11
N TYR A 214 -3.92 4.96 20.09
CA TYR A 214 -3.39 3.88 19.28
C TYR A 214 -2.70 2.86 20.18
N CYS A 215 -3.10 1.61 20.07
CA CYS A 215 -2.30 0.55 20.65
C CYS A 215 -1.32 0.04 19.60
N PHE A 216 -0.19 -0.49 20.06
CA PHE A 216 0.93 -0.71 19.17
C PHE A 216 1.75 -1.88 19.69
N GLN A 217 2.26 -2.70 18.79
CA GLN A 217 3.05 -3.87 19.15
C GLN A 217 4.43 -3.78 18.52
N GLY A 218 5.45 -4.08 19.32
CA GLY A 218 6.82 -4.02 18.86
C GLY A 218 7.53 -5.35 19.02
N SER A 219 6.78 -6.44 18.99
CA SER A 219 7.37 -7.76 19.12
C SER A 219 7.76 -8.36 17.77
N HIS A 220 6.90 -8.24 16.77
CA HIS A 220 7.12 -8.87 15.47
C HIS A 220 7.16 -7.81 14.39
N VAL A 221 8.25 -7.80 13.62
CA VAL A 221 8.39 -6.94 12.46
C VAL A 221 7.48 -7.44 11.34
N PRO A 222 6.69 -6.53 10.73
CA PRO A 222 6.63 -5.08 10.95
C PRO A 222 5.80 -4.70 12.17
N TYR A 223 6.24 -3.67 12.88
CA TYR A 223 5.50 -3.17 14.03
C TYR A 223 4.21 -2.53 13.54
N THR A 224 3.08 -2.93 14.12
CA THR A 224 1.78 -2.51 13.62
C THR A 224 0.99 -1.78 14.70
N PHE A 225 0.24 -0.77 14.29
CA PHE A 225 -0.61 0.01 15.17
C PHE A 225 -2.06 -0.49 15.08
N GLY A 226 -2.89 0.04 15.97
CA GLY A 226 -4.31 -0.20 15.92
C GLY A 226 -5.03 0.75 14.98
N GLN A 227 -6.35 0.57 14.90
CA GLN A 227 -7.17 1.41 14.04
C GLN A 227 -7.23 2.84 14.57
N GLY A 228 -7.50 2.99 15.86
CA GLY A 228 -7.63 4.30 16.47
C GLY A 228 -8.94 4.46 17.20
N THR A 229 -8.91 5.08 18.38
CA THR A 229 -10.11 5.37 19.16
C THR A 229 -10.18 6.87 19.41
N LYS A 230 -11.26 7.50 18.96
CA LYS A 230 -11.42 8.94 19.05
C LYS A 230 -12.16 9.28 20.35
N LEU A 231 -11.43 9.82 21.32
CA LEU A 231 -12.02 10.22 22.60
C LEU A 231 -12.51 11.66 22.49
N GLU A 232 -13.71 11.91 23.00
CA GLU A 232 -14.33 13.23 22.92
C GLU A 232 -15.38 13.37 24.01
N ILE A 233 -15.72 14.62 24.33
CA ILE A 233 -16.67 14.92 25.40
C ILE A 233 -18.11 14.75 24.93
N PCA B 1 15.83 18.30 28.39
CA PCA B 1 14.66 18.62 27.58
CB PCA B 1 14.51 20.13 27.40
CG PCA B 1 15.83 20.75 27.81
CD PCA B 1 16.52 19.61 28.51
OE PCA B 1 17.58 19.76 29.13
C PCA B 1 14.73 17.98 26.21
O PCA B 1 15.26 18.56 25.26
N VAL B 2 14.19 16.77 26.10
CA VAL B 2 14.25 15.99 24.87
C VAL B 2 13.41 16.63 23.78
N GLN B 3 13.99 16.86 22.61
CA GLN B 3 13.30 17.57 21.56
C GLN B 3 13.76 17.08 20.20
N LEU B 4 12.81 16.67 19.37
CA LEU B 4 13.06 16.16 18.03
C LEU B 4 12.52 17.15 17.01
N VAL B 5 13.40 17.69 16.18
CA VAL B 5 13.07 18.71 15.19
C VAL B 5 13.33 18.15 13.81
N GLN B 6 12.34 18.24 12.94
CA GLN B 6 12.43 17.71 11.58
C GLN B 6 12.49 18.83 10.57
N SER B 7 12.74 18.46 9.31
CA SER B 7 12.81 19.44 8.25
C SER B 7 11.41 19.93 7.89
N GLY B 8 11.37 20.96 7.04
CA GLY B 8 10.11 21.53 6.63
C GLY B 8 9.35 20.65 5.66
N ALA B 9 8.08 21.01 5.45
CA ALA B 9 7.23 20.26 4.54
C ALA B 9 7.82 20.26 3.13
N GLU B 10 7.46 19.24 2.35
CA GLU B 10 8.00 19.09 1.00
C GLU B 10 6.92 18.62 0.05
N VAL B 11 6.95 19.16 -1.16
CA VAL B 11 6.05 18.77 -2.25
C VAL B 11 6.91 18.27 -3.40
N LYS B 12 6.64 17.05 -3.85
CA LYS B 12 7.39 16.44 -4.93
C LYS B 12 6.44 15.80 -5.93
N LYS B 13 6.90 15.72 -7.17
CA LYS B 13 6.15 15.04 -8.21
C LYS B 13 6.34 13.53 -8.08
N PRO B 14 5.34 12.75 -8.52
CA PRO B 14 5.44 11.29 -8.40
C PRO B 14 6.67 10.75 -9.13
N GLY B 15 7.34 9.79 -8.49
CA GLY B 15 8.56 9.22 -9.01
C GLY B 15 9.84 9.83 -8.47
N ALA B 16 9.75 10.93 -7.72
CA ALA B 16 10.94 11.60 -7.18
C ALA B 16 11.31 10.97 -5.85
N SER B 17 12.20 11.63 -5.09
CA SER B 17 12.61 11.15 -3.78
CA SER B 17 12.61 11.15 -3.78
C SER B 17 12.61 12.30 -2.79
N VAL B 18 12.27 11.98 -1.54
CA VAL B 18 12.33 12.93 -0.44
C VAL B 18 13.31 12.42 0.60
N LYS B 19 14.00 13.34 1.24
CA LYS B 19 14.88 13.03 2.36
C LYS B 19 14.52 13.94 3.52
N VAL B 20 13.94 13.36 4.56
CA VAL B 20 13.50 14.10 5.73
C VAL B 20 14.55 13.96 6.83
N SER B 21 14.99 15.09 7.38
CA SER B 21 15.95 15.08 8.48
C SER B 21 15.23 15.15 9.83
N CYS B 22 15.96 14.83 10.89
CA CYS B 22 15.40 14.76 12.23
C CYS B 22 16.51 15.14 13.22
N LYS B 23 16.52 16.39 13.66
CA LYS B 23 17.52 16.86 14.60
C LYS B 23 17.14 16.46 16.03
N ALA B 24 18.06 15.79 16.72
CA ALA B 24 17.85 15.38 18.10
C ALA B 24 18.69 16.24 19.04
N SER B 25 18.12 16.58 20.19
CA SER B 25 18.82 17.37 21.18
C SER B 25 18.18 17.13 22.55
N GLY B 26 18.99 17.25 23.60
CA GLY B 26 18.54 17.03 24.96
C GLY B 26 18.85 15.67 25.53
N TYR B 27 19.50 14.79 24.76
CA TYR B 27 19.85 13.45 25.22
C TYR B 27 21.05 12.98 24.41
N THR B 28 21.61 11.85 24.83
CA THR B 28 22.74 11.26 24.12
C THR B 28 22.23 10.51 22.90
N PHE B 29 22.69 10.93 21.72
CA PHE B 29 22.13 10.40 20.48
C PHE B 29 22.46 8.93 20.27
N THR B 30 23.61 8.48 20.77
CA THR B 30 24.11 7.15 20.43
C THR B 30 23.61 6.05 21.36
N ASN B 31 22.78 6.36 22.35
CA ASN B 31 22.26 5.31 23.22
C ASN B 31 20.74 5.28 23.15
N TYR B 32 20.20 5.54 21.96
CA TYR B 32 18.76 5.50 21.70
C TYR B 32 18.54 5.17 20.24
N ASN B 33 17.53 4.36 19.96
CA ASN B 33 17.14 4.15 18.59
C ASN B 33 16.36 5.37 18.09
N MET B 34 16.25 5.46 16.77
CA MET B 34 15.38 6.42 16.11
C MET B 34 14.43 5.65 15.20
N HIS B 35 13.14 5.90 15.34
CA HIS B 35 12.13 5.28 14.51
C HIS B 35 11.56 6.29 13.53
N TRP B 36 10.94 5.78 12.48
CA TRP B 36 10.28 6.60 11.47
C TRP B 36 8.89 6.03 11.24
N VAL B 37 7.88 6.83 11.53
CA VAL B 37 6.48 6.44 11.43
C VAL B 37 5.78 7.45 10.54
N ARG B 38 5.02 6.97 9.56
CA ARG B 38 4.23 7.85 8.71
C ARG B 38 2.75 7.66 9.00
N GLN B 39 1.95 8.61 8.52
CA GLN B 39 0.50 8.54 8.66
C GLN B 39 -0.14 9.23 7.47
N ALA B 40 -0.76 8.45 6.59
CA ALA B 40 -1.52 9.03 5.49
C ALA B 40 -2.71 9.79 6.07
N PRO B 41 -3.19 10.82 5.37
CA PRO B 41 -4.26 11.65 5.93
C PRO B 41 -5.53 10.84 6.14
N GLY B 42 -6.03 10.85 7.37
CA GLY B 42 -7.23 10.11 7.69
C GLY B 42 -7.05 8.62 7.76
N GLN B 43 -5.88 8.16 8.19
CA GLN B 43 -5.60 6.74 8.30
C GLN B 43 -4.90 6.51 9.63
N ARG B 44 -4.27 5.35 9.78
CA ARG B 44 -3.59 4.98 11.00
C ARG B 44 -2.09 5.24 10.87
N LEU B 45 -1.40 5.17 12.00
CA LEU B 45 0.05 5.28 11.99
C LEU B 45 0.66 4.04 11.35
N GLU B 46 1.80 4.23 10.69
CA GLU B 46 2.48 3.14 9.99
C GLU B 46 3.96 3.21 10.29
N TRP B 47 4.49 2.17 10.94
CA TRP B 47 5.91 2.07 11.25
C TRP B 47 6.69 1.71 9.99
N MET B 48 7.70 2.51 9.66
CA MET B 48 8.50 2.28 8.46
C MET B 48 9.85 1.63 8.72
N GLY B 49 10.45 1.89 9.87
CA GLY B 49 11.74 1.30 10.18
C GLY B 49 12.44 2.05 11.30
N THR B 50 13.57 1.49 11.73
CA THR B 50 14.33 2.04 12.85
C THR B 50 15.82 1.92 12.58
N ILE B 51 16.62 2.60 13.39
CA ILE B 51 18.07 2.57 13.28
C ILE B 51 18.68 2.79 14.67
N TYR B 52 19.80 2.12 14.93
CA TYR B 52 20.59 2.39 16.12
C TYR B 52 21.86 3.14 15.73
N PRO B 53 21.95 4.45 16.00
CA PRO B 53 23.09 5.24 15.52
C PRO B 53 24.45 4.81 16.06
N GLY B 54 24.50 3.91 17.05
CA GLY B 54 25.78 3.46 17.54
C GLY B 54 26.58 2.67 16.52
N ASN B 55 25.89 1.81 15.76
CA ASN B 55 26.54 1.07 14.69
C ASN B 55 25.73 1.08 13.39
N ASP B 56 24.84 2.05 13.22
CA ASP B 56 24.01 2.20 12.02
C ASP B 56 23.26 0.92 11.66
N ASP B 57 22.89 0.14 12.67
CA ASP B 57 22.12 -1.10 12.47
C ASP B 57 20.67 -0.73 12.22
N THR B 58 20.18 -1.00 11.02
CA THR B 58 18.82 -0.66 10.62
C THR B 58 17.94 -1.89 10.60
N SER B 59 16.63 -1.67 10.80
CA SER B 59 15.60 -2.68 10.65
C SER B 59 14.45 -2.03 9.91
N TYR B 60 13.98 -2.67 8.84
CA TYR B 60 13.07 -2.05 7.90
C TYR B 60 11.74 -2.81 7.81
N ASN B 61 10.67 -2.06 7.54
CA ASN B 61 9.41 -2.63 7.11
C ASN B 61 9.53 -3.03 5.65
N GLN B 62 9.33 -4.32 5.36
CA GLN B 62 9.48 -4.84 4.00
C GLN B 62 8.51 -4.24 3.01
N LYS B 63 7.43 -3.60 3.46
CA LYS B 63 6.54 -2.90 2.55
C LYS B 63 7.28 -1.80 1.79
N PHE B 64 8.31 -1.24 2.40
CA PHE B 64 9.09 -0.16 1.82
C PHE B 64 10.48 -0.63 1.39
N LYS B 65 10.61 -1.91 1.06
CA LYS B 65 11.90 -2.46 0.67
C LYS B 65 12.39 -1.81 -0.62
N ASP B 66 13.68 -1.46 -0.63
CA ASP B 66 14.36 -0.85 -1.78
C ASP B 66 13.84 0.55 -2.09
N ARG B 67 13.14 1.18 -1.14
CA ARG B 67 12.64 2.54 -1.35
C ARG B 67 13.07 3.47 -0.23
N VAL B 68 13.22 2.93 0.98
CA VAL B 68 13.53 3.70 2.18
C VAL B 68 14.96 3.39 2.61
N THR B 69 15.69 4.44 2.97
CA THR B 69 17.01 4.32 3.57
C THR B 69 17.05 5.23 4.79
N ILE B 70 17.30 4.65 5.96
CA ILE B 70 17.33 5.40 7.21
C ILE B 70 18.78 5.50 7.66
N THR B 71 19.36 6.67 7.51
CA THR B 71 20.75 6.94 7.87
C THR B 71 20.79 7.80 9.14
N ALA B 72 21.98 7.93 9.71
CA ALA B 72 22.17 8.71 10.92
C ALA B 72 23.52 9.39 10.90
N ASP B 73 23.58 10.58 11.46
CA ASP B 73 24.83 11.31 11.70
C ASP B 73 24.93 11.50 13.21
N THR B 74 25.87 10.78 13.83
CA THR B 74 25.98 10.88 15.29
C THR B 74 26.64 12.18 15.72
N SER B 75 27.55 12.71 14.91
CA SER B 75 28.20 13.97 15.25
C SER B 75 27.25 15.15 15.14
N ALA B 76 26.17 15.01 14.35
CA ALA B 76 25.15 16.03 14.19
C ALA B 76 23.88 15.74 14.97
N SER B 77 23.83 14.61 15.70
CA SER B 77 22.65 14.17 16.43
C SER B 77 21.40 14.20 15.56
N THR B 78 21.57 13.82 14.29
CA THR B 78 20.51 13.90 13.30
C THR B 78 20.27 12.54 12.67
N ALA B 79 19.01 12.22 12.40
CA ALA B 79 18.65 11.05 11.62
C ALA B 79 17.95 11.50 10.35
N TYR B 80 17.96 10.62 9.34
CA TYR B 80 17.40 10.93 8.04
C TYR B 80 16.58 9.74 7.53
N MET B 81 15.51 10.04 6.80
CA MET B 81 14.70 9.04 6.12
C MET B 81 14.52 9.48 4.67
N GLU B 82 14.94 8.63 3.74
CA GLU B 82 14.84 8.93 2.32
C GLU B 82 13.96 7.91 1.63
N LEU B 83 12.86 8.38 1.06
CA LEU B 83 11.90 7.54 0.34
C LEU B 83 11.94 7.92 -1.14
N SER B 84 12.16 6.93 -2.00
CA SER B 84 12.29 7.17 -3.43
C SER B 84 11.09 6.58 -4.18
N SER B 85 11.05 6.89 -5.48
CA SER B 85 9.97 6.46 -6.36
C SER B 85 8.61 6.72 -5.73
N LEU B 86 8.40 7.96 -5.34
CA LEU B 86 7.18 8.35 -4.65
C LEU B 86 5.96 8.17 -5.55
N ARG B 87 4.91 7.56 -5.00
CA ARG B 87 3.61 7.47 -5.65
C ARG B 87 2.60 8.23 -4.81
N SER B 88 1.34 8.25 -5.28
CA SER B 88 0.32 9.05 -4.61
C SER B 88 0.04 8.53 -3.20
N GLU B 89 0.14 7.22 -2.98
CA GLU B 89 -0.11 6.64 -1.67
C GLU B 89 0.95 7.00 -0.64
N ASP B 90 2.01 7.71 -1.03
CA ASP B 90 3.05 8.12 -0.11
C ASP B 90 2.80 9.49 0.50
N THR B 91 1.84 10.26 -0.02
CA THR B 91 1.43 11.51 0.60
C THR B 91 1.00 11.27 2.03
N ALA B 92 1.82 11.70 2.99
CA ALA B 92 1.57 11.44 4.40
C ALA B 92 2.43 12.40 5.21
N VAL B 93 2.18 12.40 6.52
CA VAL B 93 3.05 13.08 7.47
C VAL B 93 4.06 12.05 7.98
N TYR B 94 5.34 12.42 7.93
CA TYR B 94 6.43 11.51 8.29
C TYR B 94 7.05 11.96 9.61
N TYR B 95 6.81 11.18 10.66
CA TYR B 95 7.32 11.43 12.00
C TYR B 95 8.59 10.63 12.25
N CYS B 96 9.57 11.25 12.88
CA CYS B 96 10.65 10.53 13.55
C CYS B 96 10.33 10.48 15.04
N ALA B 97 10.71 9.38 15.67
CA ALA B 97 10.51 9.24 17.10
C ALA B 97 11.73 8.56 17.71
N ARG B 98 12.27 9.16 18.77
CA ARG B 98 13.24 8.49 19.61
C ARG B 98 12.57 7.30 20.30
N GLY B 99 13.39 6.42 20.86
CA GLY B 99 12.89 5.36 21.69
C GLY B 99 13.86 4.19 21.73
N GLY B 100 13.40 3.11 22.36
CA GLY B 100 14.16 1.89 22.42
C GLY B 100 13.92 1.02 21.20
N TYR B 101 14.41 -0.22 21.30
CA TYR B 101 14.33 -1.16 20.19
C TYR B 101 12.88 -1.44 19.78
N ARG B 102 11.97 -1.55 20.76
CA ARG B 102 10.63 -2.05 20.47
C ARG B 102 9.52 -1.12 20.95
N ALA B 103 9.81 0.17 21.15
CA ALA B 103 8.82 1.15 21.56
C ALA B 103 9.38 2.56 21.37
N MET B 104 8.51 3.49 21.00
CA MET B 104 8.87 4.89 20.84
C MET B 104 8.31 5.71 21.99
N ASP B 105 9.01 6.78 22.35
CA ASP B 105 8.57 7.66 23.44
C ASP B 105 8.36 9.10 22.99
N TYR B 106 9.39 9.79 22.52
CA TYR B 106 9.28 11.19 22.14
C TYR B 106 9.33 11.32 20.62
N TRP B 107 8.41 12.10 20.06
CA TRP B 107 8.24 12.22 18.63
C TRP B 107 8.63 13.61 18.16
N GLY B 108 8.88 13.73 16.86
CA GLY B 108 9.06 15.02 16.23
C GLY B 108 7.73 15.65 15.86
N GLN B 109 7.80 16.89 15.35
CA GLN B 109 6.60 17.58 14.89
C GLN B 109 6.07 17.02 13.58
N GLY B 110 6.76 16.06 12.97
CA GLY B 110 6.34 15.50 11.72
C GLY B 110 6.71 16.38 10.54
N THR B 111 6.82 15.73 9.37
CA THR B 111 7.08 16.42 8.11
C THR B 111 6.01 16.02 7.12
N LEU B 112 5.30 17.00 6.58
CA LEU B 112 4.31 16.74 5.56
C LEU B 112 5.00 16.57 4.21
N VAL B 113 4.69 15.46 3.53
CA VAL B 113 5.20 15.17 2.19
C VAL B 113 4.00 14.92 1.29
N THR B 114 3.83 15.79 0.30
CA THR B 114 2.69 15.76 -0.62
C THR B 114 3.19 15.35 -1.98
N VAL B 115 2.66 14.24 -2.51
CA VAL B 115 2.97 13.78 -3.86
C VAL B 115 1.93 14.37 -4.80
N SER B 116 2.37 15.29 -5.66
CA SER B 116 1.45 16.01 -6.55
C SER B 116 1.15 15.26 -7.84
N SER B 117 1.27 15.97 -8.96
CA SER B 117 1.03 15.45 -10.31
C SER B 117 2.14 15.92 -11.23
N GLY B 118 2.02 15.58 -12.52
CA GLY B 118 3.01 15.96 -13.50
C GLY B 118 4.24 15.09 -13.56
N GLY B 119 4.26 13.96 -12.85
CA GLY B 119 5.36 13.03 -12.91
C GLY B 119 4.95 11.70 -13.55
N SER B 120 5.89 10.76 -13.49
CA SER B 120 5.64 9.41 -13.98
C SER B 120 5.26 8.52 -12.81
N GLY B 121 4.12 7.83 -12.94
CA GLY B 121 3.69 6.87 -11.94
C GLY B 121 2.65 7.35 -10.95
N GLY B 122 2.16 8.58 -11.09
CA GLY B 122 1.21 9.12 -10.13
C GLY B 122 -0.23 8.74 -10.44
N ASP B 123 -1.05 8.70 -9.38
CA ASP B 123 -2.46 8.40 -9.51
C ASP B 123 -3.21 9.61 -10.07
N ILE B 124 -4.16 9.34 -10.96
CA ILE B 124 -5.17 10.32 -11.34
C ILE B 124 -6.39 10.07 -10.46
N VAL B 125 -6.65 10.98 -9.54
CA VAL B 125 -7.65 10.73 -8.51
C VAL B 125 -9.05 10.83 -9.13
N MET B 126 -9.81 9.75 -9.01
CA MET B 126 -11.18 9.68 -9.51
C MET B 126 -12.11 9.85 -8.32
N THR B 127 -12.83 10.97 -8.29
CA THR B 127 -13.68 11.36 -7.17
C THR B 127 -15.14 11.38 -7.63
N GLN B 128 -15.94 10.47 -7.08
CA GLN B 128 -17.34 10.36 -7.45
C GLN B 128 -18.24 11.01 -6.41
N SER B 129 -19.43 11.40 -6.86
CA SER B 129 -20.46 11.91 -5.96
C SER B 129 -21.84 11.65 -6.58
N PRO B 130 -22.79 11.21 -5.75
CA PRO B 130 -22.59 10.96 -4.32
C PRO B 130 -22.06 9.55 -4.06
N LEU B 131 -21.60 9.29 -2.84
CA LEU B 131 -21.17 7.94 -2.49
C LEU B 131 -22.33 7.03 -2.13
N SER B 132 -23.55 7.57 -1.98
CA SER B 132 -24.75 6.78 -1.78
C SER B 132 -25.90 7.45 -2.52
N LEU B 133 -26.56 6.69 -3.40
CA LEU B 133 -27.64 7.22 -4.22
C LEU B 133 -28.88 6.38 -3.99
N PRO B 134 -29.73 6.77 -3.04
CA PRO B 134 -31.06 6.13 -2.93
C PRO B 134 -32.01 6.70 -3.98
N VAL B 135 -32.82 5.82 -4.56
CA VAL B 135 -33.70 6.20 -5.65
C VAL B 135 -34.80 5.15 -5.77
N THR B 136 -36.03 5.62 -6.10
CA THR B 136 -37.17 4.75 -6.37
C THR B 136 -37.21 4.36 -7.84
N PRO B 137 -37.72 3.16 -8.16
CA PRO B 137 -37.73 2.73 -9.57
C PRO B 137 -38.43 3.73 -10.48
N GLY B 138 -37.90 3.87 -11.69
CA GLY B 138 -38.42 4.81 -12.67
C GLY B 138 -37.82 6.19 -12.54
N GLU B 139 -37.43 6.56 -11.33
CA GLU B 139 -36.83 7.87 -11.08
C GLU B 139 -35.41 7.92 -11.66
N PRO B 140 -35.03 9.00 -12.33
CA PRO B 140 -33.70 9.07 -12.94
C PRO B 140 -32.60 9.28 -11.90
N ALA B 141 -31.42 8.80 -12.25
CA ALA B 141 -30.24 8.94 -11.41
C ALA B 141 -29.08 9.48 -12.24
N SER B 142 -28.25 10.30 -11.62
CA SER B 142 -27.07 10.84 -12.29
C SER B 142 -25.88 10.68 -11.35
N ILE B 143 -24.82 10.04 -11.83
CA ILE B 143 -23.60 9.83 -11.07
C ILE B 143 -22.48 10.62 -11.71
N SER B 144 -21.81 11.44 -10.92
CA SER B 144 -20.73 12.28 -11.41
C SER B 144 -19.37 11.66 -11.07
N CYS B 145 -18.41 11.92 -11.95
CA CYS B 145 -17.03 11.47 -11.78
C CYS B 145 -16.08 12.61 -12.14
N ARG B 146 -15.21 12.98 -11.20
CA ARG B 146 -14.23 14.04 -11.37
C ARG B 146 -12.84 13.42 -11.34
N SER B 147 -11.97 13.85 -12.24
CA SER B 147 -10.58 13.42 -12.26
C SER B 147 -9.68 14.58 -11.89
N SER B 148 -8.63 14.28 -11.11
CA SER B 148 -7.67 15.29 -10.70
C SER B 148 -6.88 15.89 -11.87
N GLN B 149 -6.73 15.17 -12.97
CA GLN B 149 -6.09 15.69 -14.17
C GLN B 149 -6.89 15.23 -15.39
N SER B 150 -6.54 15.78 -16.55
CA SER B 150 -7.24 15.46 -17.80
C SER B 150 -7.09 14.00 -18.19
N ILE B 151 -8.23 13.36 -18.51
CA ILE B 151 -8.22 11.98 -18.98
C ILE B 151 -7.98 11.90 -20.49
N VAL B 152 -7.74 13.02 -21.17
CA VAL B 152 -7.46 12.98 -22.60
C VAL B 152 -6.08 12.38 -22.82
N TYR B 153 -6.02 11.32 -23.63
CA TYR B 153 -4.76 10.70 -24.00
C TYR B 153 -4.10 11.48 -25.14
N SER B 154 -2.83 11.16 -25.42
CA SER B 154 -2.06 11.92 -26.40
C SER B 154 -2.61 11.79 -27.82
N ASN B 155 -3.38 10.74 -28.13
CA ASN B 155 -3.99 10.64 -29.44
C ASN B 155 -5.30 11.43 -29.53
N GLY B 156 -5.76 12.01 -28.42
CA GLY B 156 -6.98 12.78 -28.38
C GLY B 156 -8.16 12.06 -27.78
N ASN B 157 -8.09 10.75 -27.61
CA ASN B 157 -9.19 10.01 -27.03
C ASN B 157 -9.21 10.15 -25.50
N THR B 158 -10.37 9.94 -24.92
CA THR B 158 -10.55 9.98 -23.47
C THR B 158 -11.00 8.59 -23.02
N TYR B 159 -10.11 7.86 -22.36
CA TYR B 159 -10.36 6.47 -22.02
C TYR B 159 -10.99 6.34 -20.63
N LEU B 160 -12.11 7.03 -20.46
CA LEU B 160 -12.90 6.93 -19.24
C LEU B 160 -13.97 5.87 -19.39
N GLY B 161 -14.02 4.94 -18.46
CA GLY B 161 -15.05 3.92 -18.46
C GLY B 161 -15.92 3.91 -17.21
N TRP B 162 -17.08 3.26 -17.30
CA TRP B 162 -17.99 3.10 -16.17
C TRP B 162 -18.26 1.62 -15.94
N TYR B 163 -18.15 1.17 -14.69
CA TYR B 163 -18.35 -0.23 -14.33
C TYR B 163 -19.40 -0.36 -13.26
N LEU B 164 -20.18 -1.44 -13.34
CA LEU B 164 -21.22 -1.75 -12.37
C LEU B 164 -20.92 -3.10 -11.72
N GLN B 165 -20.86 -3.11 -10.39
CA GLN B 165 -20.68 -4.33 -9.62
C GLN B 165 -21.99 -4.57 -8.85
N LYS B 166 -22.83 -5.45 -9.38
CA LYS B 166 -24.02 -5.83 -8.67
C LYS B 166 -23.64 -6.67 -7.44
N PRO B 167 -24.46 -6.62 -6.37
CA PRO B 167 -24.06 -7.29 -5.13
C PRO B 167 -23.89 -8.79 -5.33
N GLY B 168 -22.72 -9.29 -4.96
CA GLY B 168 -22.43 -10.71 -5.08
C GLY B 168 -21.96 -11.16 -6.44
N GLN B 169 -21.68 -10.23 -7.35
CA GLN B 169 -21.22 -10.55 -8.69
C GLN B 169 -19.98 -9.74 -9.01
N SER B 170 -19.32 -10.12 -10.10
CA SER B 170 -18.15 -9.41 -10.57
C SER B 170 -18.57 -8.15 -11.32
N PRO B 171 -17.66 -7.18 -11.47
CA PRO B 171 -18.00 -5.98 -12.24
C PRO B 171 -18.35 -6.31 -13.68
N GLN B 172 -19.04 -5.38 -14.32
CA GLN B 172 -19.36 -5.49 -15.74
C GLN B 172 -19.24 -4.12 -16.38
N LEU B 173 -18.87 -4.12 -17.66
CA LEU B 173 -18.65 -2.87 -18.39
C LEU B 173 -19.98 -2.28 -18.85
N LEU B 174 -20.14 -0.97 -18.68
CA LEU B 174 -21.31 -0.22 -19.10
C LEU B 174 -20.97 0.75 -20.22
N ILE B 175 -20.14 1.76 -19.92
CA ILE B 175 -19.73 2.77 -20.88
C ILE B 175 -18.21 2.71 -21.00
N TYR B 176 -17.73 2.78 -22.25
CA TYR B 176 -16.31 2.96 -22.54
C TYR B 176 -16.15 4.23 -23.36
N LYS B 177 -14.97 4.82 -23.30
CA LYS B 177 -14.65 6.07 -23.98
C LYS B 177 -15.73 7.13 -23.73
N VAL B 178 -15.94 7.43 -22.44
CA VAL B 178 -16.79 8.53 -21.99
C VAL B 178 -18.27 8.31 -22.30
N SER B 179 -18.60 8.01 -23.57
CA SER B 179 -20.00 8.00 -23.96
C SER B 179 -20.42 6.84 -24.85
N ASN B 180 -19.62 5.78 -24.99
CA ASN B 180 -19.97 4.66 -25.86
C ASN B 180 -20.54 3.52 -25.03
N ARG B 181 -21.79 3.17 -25.28
CA ARG B 181 -22.41 2.02 -24.63
C ARG B 181 -21.74 0.73 -25.10
N PHE B 182 -21.61 -0.22 -24.18
CA PHE B 182 -21.11 -1.55 -24.51
C PHE B 182 -22.26 -2.35 -25.15
N SER B 183 -22.05 -3.65 -25.37
CA SER B 183 -22.93 -4.44 -26.21
C SER B 183 -24.35 -4.59 -25.64
N GLY B 184 -24.50 -5.38 -24.58
CA GLY B 184 -25.82 -5.67 -24.06
C GLY B 184 -26.41 -4.62 -23.14
N VAL B 185 -25.81 -3.45 -23.04
CA VAL B 185 -26.34 -2.52 -22.04
C VAL B 185 -27.55 -1.81 -22.61
N PRO B 186 -28.55 -1.50 -21.81
CA PRO B 186 -29.73 -0.85 -22.36
C PRO B 186 -29.43 0.58 -22.77
N ASP B 187 -30.45 1.17 -23.37
CA ASP B 187 -30.46 2.56 -23.76
C ASP B 187 -30.65 3.49 -22.57
N ARG B 188 -31.00 2.97 -21.40
CA ARG B 188 -31.18 3.83 -20.22
C ARG B 188 -29.85 4.43 -19.79
N PHE B 189 -28.77 3.67 -19.88
CA PHE B 189 -27.46 4.13 -19.42
C PHE B 189 -26.81 5.02 -20.47
N SER B 190 -26.23 6.12 -20.01
CA SER B 190 -25.64 7.12 -20.89
C SER B 190 -24.47 7.79 -20.16
N GLY B 191 -23.40 8.07 -20.89
CA GLY B 191 -22.27 8.79 -20.34
C GLY B 191 -21.99 10.04 -21.15
N SER B 192 -21.47 11.06 -20.48
CA SER B 192 -21.17 12.33 -21.14
C SER B 192 -20.05 13.03 -20.39
N GLY B 193 -19.53 14.09 -21.01
CA GLY B 193 -18.51 14.93 -20.44
C GLY B 193 -17.22 14.92 -21.23
N SER B 194 -16.25 15.68 -20.74
CA SER B 194 -14.93 15.73 -21.34
C SER B 194 -13.96 16.31 -20.32
N GLY B 195 -12.68 16.22 -20.64
CA GLY B 195 -11.63 16.76 -19.79
C GLY B 195 -11.49 16.06 -18.46
N THR B 196 -12.06 16.66 -17.41
CA THR B 196 -11.92 16.17 -16.05
C THR B 196 -13.27 15.91 -15.38
N ASP B 197 -14.38 16.17 -16.06
CA ASP B 197 -15.71 16.12 -15.46
C ASP B 197 -16.61 15.23 -16.30
N PHE B 198 -17.16 14.18 -15.70
CA PHE B 198 -17.96 13.20 -16.41
C PHE B 198 -19.20 12.87 -15.59
N THR B 199 -20.17 12.28 -16.26
CA THR B 199 -21.43 11.93 -15.61
C THR B 199 -22.02 10.70 -16.29
N LEU B 200 -22.49 9.75 -15.48
CA LEU B 200 -23.26 8.61 -15.96
C LEU B 200 -24.73 8.86 -15.62
N LYS B 201 -25.58 8.83 -16.64
CA LYS B 201 -27.00 9.11 -16.48
C LYS B 201 -27.82 7.84 -16.72
N ILE B 202 -28.55 7.43 -15.69
CA ILE B 202 -29.56 6.37 -15.81
C ILE B 202 -30.90 7.06 -15.95
N SER B 203 -31.56 6.89 -17.10
CA SER B 203 -32.83 7.58 -17.32
C SER B 203 -33.94 7.01 -16.45
N ARG B 204 -34.08 5.67 -16.44
CA ARG B 204 -35.10 4.99 -15.64
C ARG B 204 -34.43 3.92 -14.80
N VAL B 205 -34.30 4.18 -13.49
CA VAL B 205 -33.72 3.22 -12.59
C VAL B 205 -34.69 2.06 -12.35
N GLU B 206 -34.17 0.84 -12.33
CA GLU B 206 -34.98 -0.36 -12.14
C GLU B 206 -34.40 -1.18 -10.99
N ALA B 207 -35.01 -2.33 -10.73
CA ALA B 207 -34.57 -3.19 -9.63
C ALA B 207 -33.30 -3.95 -9.94
N GLU B 208 -32.99 -4.15 -11.21
CA GLU B 208 -31.78 -4.87 -11.62
C GLU B 208 -30.54 -3.99 -11.62
N ASP B 209 -30.68 -2.69 -11.32
CA ASP B 209 -29.57 -1.75 -11.35
C ASP B 209 -28.92 -1.55 -10.00
N VAL B 210 -29.39 -2.24 -8.95
CA VAL B 210 -28.80 -2.08 -7.64
C VAL B 210 -27.37 -2.61 -7.65
N GLY B 211 -26.44 -1.80 -7.18
CA GLY B 211 -25.04 -2.19 -7.16
C GLY B 211 -24.15 -0.99 -6.89
N VAL B 212 -22.85 -1.23 -7.07
CA VAL B 212 -21.83 -0.22 -6.85
C VAL B 212 -21.26 0.21 -8.20
N TYR B 213 -21.32 1.50 -8.48
CA TYR B 213 -20.86 2.07 -9.74
C TYR B 213 -19.47 2.67 -9.54
N TYR B 214 -18.54 2.29 -10.42
CA TYR B 214 -17.20 2.83 -10.43
C TYR B 214 -16.94 3.52 -11.77
N CYS B 215 -16.27 4.67 -11.74
CA CYS B 215 -15.69 5.22 -12.94
C CYS B 215 -14.21 4.83 -13.00
N PHE B 216 -13.65 4.86 -14.21
CA PHE B 216 -12.35 4.27 -14.44
C PHE B 216 -11.64 5.03 -15.55
N GLN B 217 -10.36 5.32 -15.35
CA GLN B 217 -9.55 5.97 -16.36
C GLN B 217 -8.46 5.04 -16.83
N GLY B 218 -8.26 4.99 -18.15
CA GLY B 218 -7.25 4.13 -18.73
C GLY B 218 -6.22 4.89 -19.53
N SER B 219 -6.16 6.20 -19.33
CA SER B 219 -5.25 7.03 -20.10
C SER B 219 -3.85 7.12 -19.49
N HIS B 220 -3.72 6.94 -18.18
CA HIS B 220 -2.46 7.14 -17.48
C HIS B 220 -2.20 5.95 -16.56
N VAL B 221 -1.06 5.28 -16.75
CA VAL B 221 -0.63 4.24 -15.82
C VAL B 221 -0.08 4.89 -14.54
N PRO B 222 -0.52 4.41 -13.37
CA PRO B 222 -1.46 3.31 -13.13
C PRO B 222 -2.92 3.70 -13.34
N TYR B 223 -3.70 2.81 -13.97
CA TYR B 223 -5.11 3.07 -14.17
C TYR B 223 -5.81 3.09 -12.80
N THR B 224 -6.72 4.04 -12.62
CA THR B 224 -7.34 4.30 -11.32
C THR B 224 -8.86 4.23 -11.41
N PHE B 225 -9.48 3.65 -10.39
CA PHE B 225 -10.91 3.60 -10.26
C PHE B 225 -11.40 4.72 -9.36
N GLY B 226 -12.71 4.89 -9.30
CA GLY B 226 -13.33 5.85 -8.44
C GLY B 226 -13.54 5.29 -7.04
N GLN B 227 -14.22 6.09 -6.22
CA GLN B 227 -14.48 5.68 -4.85
C GLN B 227 -15.59 4.63 -4.78
N GLY B 228 -16.54 4.69 -5.71
CA GLY B 228 -17.68 3.79 -5.69
C GLY B 228 -18.96 4.49 -5.29
N THR B 229 -20.03 4.21 -6.01
CA THR B 229 -21.34 4.81 -5.76
C THR B 229 -22.33 3.69 -5.49
N LYS B 230 -22.82 3.61 -4.26
CA LYS B 230 -23.71 2.53 -3.83
C LYS B 230 -25.15 2.92 -4.19
N LEU B 231 -25.69 2.29 -5.23
CA LEU B 231 -27.06 2.53 -5.66
C LEU B 231 -28.01 1.54 -4.97
N GLU B 232 -29.16 2.05 -4.54
CA GLU B 232 -30.08 1.25 -3.73
C GLU B 232 -31.47 1.89 -3.78
N ILE B 233 -32.48 1.06 -3.54
CA ILE B 233 -33.87 1.49 -3.58
C ILE B 233 -34.31 2.09 -2.25
N PCA C 1 -5.15 -3.95 -29.21
CA PCA C 1 -4.86 -5.30 -29.65
CB PCA C 1 -5.64 -6.33 -28.82
CG PCA C 1 -6.56 -5.55 -27.90
CD PCA C 1 -6.16 -4.12 -28.18
OE PCA C 1 -6.66 -3.18 -27.56
C PCA C 1 -5.11 -5.48 -31.15
O PCA C 1 -4.87 -6.56 -31.68
N LEU C 2 -5.57 -4.44 -31.82
CA LEU C 2 -5.66 -4.48 -33.27
C LEU C 2 -4.27 -4.43 -33.88
N LEU C 3 -3.90 -5.49 -34.59
CA LEU C 3 -2.60 -5.60 -35.24
C LEU C 3 -2.70 -5.13 -36.68
N PHE C 4 -1.56 -4.71 -37.23
CA PHE C 4 -1.52 -4.14 -38.57
C PHE C 4 -0.47 -4.82 -39.41
N ASN C 5 -0.73 -4.89 -40.72
CA ASN C 5 0.28 -5.26 -41.71
C ASN C 5 0.98 -3.97 -42.09
N LYS C 6 2.04 -3.63 -41.35
CA LYS C 6 2.64 -2.31 -41.44
C LYS C 6 3.27 -2.07 -42.82
N THR C 7 3.24 -0.82 -43.26
CA THR C 7 3.87 -0.39 -44.50
C THR C 7 4.64 0.91 -44.22
N LYS C 8 5.96 0.87 -44.43
CA LYS C 8 6.80 2.01 -44.09
C LYS C 8 6.33 3.27 -44.79
N SER C 9 6.25 3.24 -46.13
CA SER C 9 5.83 4.40 -46.90
C SER C 9 5.27 3.92 -48.23
N VAL C 10 4.52 4.82 -48.88
CA VAL C 10 4.01 4.61 -50.24
C VAL C 10 4.28 5.88 -51.05
N ASP C 11 4.81 5.70 -52.26
CA ASP C 11 5.07 6.79 -53.18
C ASP C 11 3.86 7.04 -54.08
N PHE C 12 3.82 8.25 -54.66
CA PHE C 12 2.84 8.55 -55.69
C PHE C 12 3.45 9.56 -56.66
N THR C 13 2.82 9.67 -57.82
CA THR C 13 3.22 10.63 -58.85
C THR C 13 1.99 11.41 -59.31
N PHE C 14 2.21 12.41 -60.17
CA PHE C 14 1.11 13.21 -60.67
C PHE C 14 0.12 12.40 -61.50
N GLY C 15 0.54 11.24 -62.01
CA GLY C 15 -0.37 10.37 -62.72
C GLY C 15 -1.39 9.69 -61.85
N ASN C 16 -1.17 9.65 -60.54
CA ASN C 16 -2.13 9.07 -59.60
C ASN C 16 -3.33 10.02 -59.48
N ASP C 17 -4.40 9.71 -60.22
CA ASP C 17 -5.64 10.48 -60.08
C ASP C 17 -6.26 10.30 -58.71
N THR C 18 -6.05 9.13 -58.10
CA THR C 18 -6.52 8.82 -56.76
C THR C 18 -5.36 8.24 -55.97
N VAL C 19 -5.11 8.79 -54.79
CA VAL C 19 -4.01 8.37 -53.92
C VAL C 19 -4.60 7.52 -52.80
N VAL C 20 -3.97 6.37 -52.55
CA VAL C 20 -4.45 5.41 -51.56
C VAL C 20 -3.36 5.20 -50.51
N ILE C 21 -3.69 5.43 -49.26
CA ILE C 21 -2.79 5.19 -48.13
C ILE C 21 -3.21 3.89 -47.46
N PRO C 22 -2.37 2.85 -47.48
CA PRO C 22 -2.83 1.54 -47.00
C PRO C 22 -2.91 1.48 -45.49
N CYS C 23 -3.95 0.80 -45.01
CA CYS C 23 -4.09 0.50 -43.59
C CYS C 23 -4.93 -0.76 -43.45
N PHE C 24 -4.32 -1.84 -42.95
CA PHE C 24 -4.96 -3.14 -42.88
C PHE C 24 -4.80 -3.74 -41.49
N VAL C 25 -5.92 -4.15 -40.90
CA VAL C 25 -5.97 -4.81 -39.60
C VAL C 25 -6.21 -6.30 -39.80
N THR C 26 -5.33 -7.14 -39.25
CA THR C 26 -5.34 -8.59 -39.42
C THR C 26 -6.33 -9.30 -38.49
N ASN C 27 -6.43 -8.88 -37.23
CA ASN C 27 -7.27 -9.54 -36.25
C ASN C 27 -8.62 -8.88 -36.07
N MET C 28 -9.05 -8.08 -37.04
CA MET C 28 -10.39 -7.52 -37.01
C MET C 28 -11.41 -8.64 -36.90
N GLU C 29 -12.41 -8.45 -36.02
CA GLU C 29 -13.44 -9.47 -35.85
C GLU C 29 -14.83 -8.87 -35.69
N ALA C 30 -15.04 -7.68 -36.24
CA ALA C 30 -16.33 -7.01 -36.12
C ALA C 30 -17.31 -7.58 -37.14
N GLN C 31 -18.51 -7.88 -36.68
CA GLN C 31 -19.58 -8.38 -37.55
C GLN C 31 -20.46 -7.27 -38.10
N ASN C 32 -20.27 -6.03 -37.65
CA ASN C 32 -21.13 -4.91 -38.02
C ASN C 32 -20.30 -3.64 -37.92
N THR C 33 -20.40 -2.77 -38.93
CA THR C 33 -19.57 -1.57 -38.98
C THR C 33 -19.94 -0.54 -37.91
N THR C 34 -21.04 -0.72 -37.20
CA THR C 34 -21.42 0.21 -36.13
C THR C 34 -20.52 0.10 -34.92
N GLU C 35 -19.71 -0.96 -34.84
CA GLU C 35 -18.79 -1.18 -33.73
C GLU C 35 -17.38 -0.73 -34.06
N VAL C 36 -17.19 0.01 -35.15
CA VAL C 36 -15.87 0.35 -35.66
C VAL C 36 -15.73 1.86 -35.74
N TYR C 37 -14.61 2.38 -35.24
CA TYR C 37 -14.28 3.79 -35.37
C TYR C 37 -12.92 3.89 -36.05
N VAL C 38 -12.81 4.81 -37.01
CA VAL C 38 -11.60 5.01 -37.80
C VAL C 38 -11.25 6.49 -37.79
N LYS C 39 -9.99 6.78 -37.51
CA LYS C 39 -9.51 8.16 -37.44
C LYS C 39 -8.17 8.24 -38.17
N TRP C 40 -8.11 9.02 -39.23
CA TRP C 40 -6.86 9.28 -39.94
C TRP C 40 -6.31 10.62 -39.45
N LYS C 41 -5.10 10.60 -38.91
CA LYS C 41 -4.45 11.80 -38.40
C LYS C 41 -3.27 12.15 -39.31
N PHE C 42 -3.15 13.43 -39.63
CA PHE C 42 -2.03 13.96 -40.40
C PHE C 42 -1.37 15.07 -39.60
N LYS C 43 -0.12 14.86 -39.22
CA LYS C 43 0.65 15.85 -38.47
C LYS C 43 -0.07 16.27 -37.19
N GLY C 44 -0.79 15.34 -36.57
CA GLY C 44 -1.40 15.54 -35.28
C GLY C 44 -2.86 15.91 -35.29
N ARG C 45 -3.39 16.38 -36.42
CA ARG C 45 -4.80 16.77 -36.53
C ARG C 45 -5.58 15.69 -37.25
N ASP C 46 -6.79 15.42 -36.76
CA ASP C 46 -7.66 14.45 -37.42
C ASP C 46 -8.11 15.01 -38.75
N ILE C 47 -7.72 14.33 -39.84
CA ILE C 47 -8.11 14.75 -41.18
C ILE C 47 -9.19 13.86 -41.78
N TYR C 48 -9.59 12.80 -41.09
CA TYR C 48 -10.75 12.00 -41.51
C TYR C 48 -11.15 11.10 -40.35
N THR C 49 -12.41 11.19 -39.94
CA THR C 49 -12.96 10.26 -38.97
C THR C 49 -14.20 9.62 -39.56
N PHE C 50 -14.45 8.38 -39.18
CA PHE C 50 -15.67 7.67 -39.53
C PHE C 50 -16.25 7.08 -38.25
N ASP C 51 -17.38 7.62 -37.81
CA ASP C 51 -18.07 7.13 -36.61
C ASP C 51 -19.02 6.02 -37.05
N GLY C 52 -18.58 4.77 -36.87
CA GLY C 52 -19.39 3.64 -37.30
C GLY C 52 -20.78 3.61 -36.68
N ALA C 53 -20.89 4.07 -35.43
CA ALA C 53 -22.17 4.02 -34.74
C ALA C 53 -23.17 4.99 -35.36
N LEU C 54 -22.70 6.14 -35.83
CA LEU C 54 -23.56 7.13 -36.47
C LEU C 54 -23.54 7.03 -38.00
N ASN C 55 -22.61 6.27 -38.57
CA ASN C 55 -22.50 6.11 -40.01
C ASN C 55 -22.26 7.46 -40.70
N LYS C 56 -21.37 8.27 -40.11
CA LYS C 56 -21.07 9.60 -40.61
C LYS C 56 -19.57 9.81 -40.69
N SER C 57 -19.13 10.63 -41.67
CA SER C 57 -17.72 10.91 -41.90
C SER C 57 -17.46 12.41 -41.81
N THR C 58 -16.35 12.79 -41.18
CA THR C 58 -15.98 14.18 -41.01
C THR C 58 -14.61 14.43 -41.65
N VAL C 59 -14.53 15.52 -42.43
CA VAL C 59 -13.27 15.96 -43.04
C VAL C 59 -13.12 17.45 -42.88
N PRO C 60 -11.89 17.93 -42.73
CA PRO C 60 -11.63 19.36 -42.74
C PRO C 60 -11.68 19.90 -44.17
N THR C 61 -11.50 21.21 -44.30
CA THR C 61 -11.69 21.88 -45.59
C THR C 61 -10.58 21.48 -46.57
N ASP C 62 -9.32 21.50 -46.13
CA ASP C 62 -8.21 21.14 -47.01
C ASP C 62 -8.22 19.68 -47.41
N PHE C 63 -8.97 18.84 -46.70
CA PHE C 63 -9.14 17.44 -47.06
C PHE C 63 -10.56 17.14 -47.49
N SER C 64 -11.06 17.88 -48.49
CA SER C 64 -12.44 17.71 -48.93
C SER C 64 -12.66 16.34 -49.55
N SER C 65 -11.63 15.76 -50.18
CA SER C 65 -11.78 14.50 -50.91
C SER C 65 -11.45 13.27 -50.08
N ALA C 66 -11.00 13.45 -48.84
CA ALA C 66 -10.67 12.29 -48.00
C ALA C 66 -11.90 11.42 -47.79
N LYS C 67 -11.73 10.12 -48.04
CA LYS C 67 -12.80 9.15 -47.85
C LYS C 67 -12.18 7.77 -47.73
N ILE C 68 -12.95 6.83 -47.18
CA ILE C 68 -12.54 5.43 -47.09
C ILE C 68 -13.70 4.56 -47.56
N GLU C 69 -13.38 3.32 -47.93
CA GLU C 69 -14.38 2.35 -48.39
C GLU C 69 -14.93 1.64 -47.15
N VAL C 70 -16.10 2.10 -46.70
CA VAL C 70 -16.67 1.59 -45.44
C VAL C 70 -16.96 0.10 -45.54
N SER C 71 -17.35 -0.37 -46.73
CA SER C 71 -17.71 -1.76 -46.90
C SER C 71 -16.52 -2.70 -46.83
N GLN C 72 -15.30 -2.16 -46.74
CA GLN C 72 -14.10 -2.97 -46.58
C GLN C 72 -13.54 -2.92 -45.16
N LEU C 73 -14.25 -2.26 -44.24
CA LEU C 73 -13.79 -2.19 -42.86
C LEU C 73 -13.79 -3.56 -42.20
N LEU C 74 -14.90 -4.30 -42.33
CA LEU C 74 -15.00 -5.60 -41.68
C LEU C 74 -13.94 -6.58 -42.17
N LYS C 75 -13.41 -6.37 -43.38
CA LYS C 75 -12.26 -7.12 -43.86
C LYS C 75 -10.95 -6.59 -43.32
N GLY C 76 -11.00 -5.66 -42.36
CA GLY C 76 -9.80 -5.08 -41.80
C GLY C 76 -9.13 -4.03 -42.66
N ASP C 77 -9.84 -3.45 -43.63
CA ASP C 77 -9.26 -2.49 -44.55
C ASP C 77 -9.82 -1.10 -44.24
N ALA C 78 -8.97 -0.21 -43.75
CA ALA C 78 -9.32 1.18 -43.49
C ALA C 78 -8.44 2.13 -44.31
N SER C 79 -8.19 1.76 -45.57
CA SER C 79 -7.30 2.55 -46.41
C SER C 79 -7.92 3.92 -46.72
N LEU C 80 -7.07 4.95 -46.76
CA LEU C 80 -7.51 6.31 -46.98
C LEU C 80 -7.31 6.70 -48.44
N LYS C 81 -8.37 7.22 -49.06
CA LYS C 81 -8.37 7.58 -50.47
C LYS C 81 -8.59 9.08 -50.63
N MET C 82 -7.78 9.70 -51.49
CA MET C 82 -7.91 11.12 -51.79
C MET C 82 -7.49 11.37 -53.23
N ASP C 83 -7.69 12.59 -53.69
CA ASP C 83 -7.31 12.97 -55.03
C ASP C 83 -5.90 13.55 -55.04
N LYS C 84 -5.38 13.81 -56.25
CA LYS C 84 -4.00 14.25 -56.38
C LYS C 84 -3.77 15.60 -55.71
N SER C 85 -4.78 16.48 -55.70
CA SER C 85 -4.62 17.80 -55.09
C SER C 85 -4.40 17.69 -53.59
N ASP C 86 -5.26 16.95 -52.88
CA ASP C 86 -5.10 16.85 -51.44
C ASP C 86 -3.82 16.12 -51.06
N ALA C 87 -3.34 15.26 -51.96
CA ALA C 87 -2.11 14.51 -51.71
C ALA C 87 -0.89 15.42 -51.78
N VAL C 88 -0.72 16.16 -52.88
CA VAL C 88 0.46 17.00 -53.03
C VAL C 88 0.50 18.08 -51.95
N SER C 89 -0.67 18.56 -51.52
CA SER C 89 -0.73 19.58 -50.49
C SER C 89 -0.54 19.02 -49.10
N HIS C 90 -0.60 17.69 -48.92
CA HIS C 90 -0.43 17.03 -47.62
C HIS C 90 0.53 15.85 -47.78
N THR C 91 1.82 16.13 -47.73
CA THR C 91 2.88 15.13 -47.81
C THR C 91 3.50 14.95 -46.43
N GLY C 92 3.70 13.72 -46.02
CA GLY C 92 4.34 13.45 -44.75
C GLY C 92 3.76 12.19 -44.12
N ASN C 93 3.78 12.17 -42.79
CA ASN C 93 3.36 11.00 -42.03
C ASN C 93 1.87 11.09 -41.69
N TYR C 94 1.14 10.02 -42.01
CA TYR C 94 -0.24 9.84 -41.62
C TYR C 94 -0.33 8.75 -40.55
N THR C 95 -1.34 8.85 -39.69
CA THR C 95 -1.57 7.86 -38.65
C THR C 95 -2.96 7.28 -38.84
N CYS C 96 -3.02 5.99 -39.17
CA CYS C 96 -4.28 5.25 -39.23
C CYS C 96 -4.59 4.71 -37.86
N GLU C 97 -5.77 5.05 -37.34
CA GLU C 97 -6.16 4.74 -35.97
C GLU C 97 -7.52 4.08 -36.00
N VAL C 98 -7.57 2.79 -35.69
CA VAL C 98 -8.78 2.00 -35.82
C VAL C 98 -9.25 1.57 -34.43
N THR C 99 -10.55 1.70 -34.19
CA THR C 99 -11.16 1.25 -32.94
C THR C 99 -12.27 0.25 -33.27
N GLU C 100 -12.33 -0.83 -32.50
CA GLU C 100 -13.41 -1.80 -32.57
C GLU C 100 -13.86 -2.10 -31.14
N LEU C 101 -14.89 -1.38 -30.68
CA LEU C 101 -15.44 -1.50 -29.33
C LEU C 101 -14.31 -1.22 -28.36
N THR C 102 -13.85 -2.19 -27.58
CA THR C 102 -12.81 -1.95 -26.60
C THR C 102 -11.42 -2.05 -27.24
N ARG C 103 -11.29 -2.86 -28.29
CA ARG C 103 -10.01 -3.05 -28.95
C ARG C 103 -9.65 -1.83 -29.80
N GLU C 104 -8.35 -1.64 -29.99
CA GLU C 104 -7.87 -0.46 -30.70
C GLU C 104 -6.44 -0.67 -31.12
N GLY C 105 -6.00 0.18 -32.05
CA GLY C 105 -4.63 0.14 -32.51
C GLY C 105 -4.42 1.20 -33.56
N GLU C 106 -3.14 1.45 -33.85
CA GLU C 106 -2.77 2.47 -34.81
C GLU C 106 -1.47 2.06 -35.50
N THR C 107 -1.27 2.60 -36.69
CA THR C 107 -0.08 2.37 -37.49
C THR C 107 0.23 3.64 -38.27
N ILE C 108 1.47 3.74 -38.75
CA ILE C 108 1.97 4.96 -39.38
C ILE C 108 2.45 4.63 -40.78
N ILE C 109 2.00 5.42 -41.76
CA ILE C 109 2.46 5.32 -43.14
C ILE C 109 2.88 6.71 -43.59
N GLU C 110 4.00 6.80 -44.29
CA GLU C 110 4.48 8.06 -44.82
C GLU C 110 4.09 8.17 -46.29
N LEU C 111 3.49 9.31 -46.64
CA LEU C 111 3.10 9.61 -48.02
C LEU C 111 4.19 10.45 -48.65
N LYS C 112 4.96 9.84 -49.54
CA LYS C 112 6.10 10.49 -50.16
C LYS C 112 5.86 10.67 -51.65
N TYR C 113 6.50 11.69 -52.21
CA TYR C 113 6.40 11.97 -53.64
C TYR C 113 7.65 11.47 -54.35
N ARG C 114 7.46 10.82 -55.49
CA ARG C 114 8.56 10.31 -56.31
C ARG C 114 9.33 11.44 -56.97
N PCA D 1 18.76 -0.54 23.45
CA PCA D 1 19.93 0.28 23.16
CB PCA D 1 19.53 1.70 22.72
CG PCA D 1 18.02 1.78 22.82
CD PCA D 1 17.64 0.38 23.23
OE PCA D 1 16.47 0.05 23.38
C PCA D 1 20.90 0.34 24.33
O PCA D 1 21.90 1.06 24.25
N LEU D 2 20.62 -0.41 25.38
CA LEU D 2 21.55 -0.56 26.50
C LEU D 2 22.78 -1.35 26.09
N LEU D 3 23.95 -0.76 26.27
CA LEU D 3 25.22 -1.40 25.96
C LEU D 3 25.79 -2.07 27.20
N PHE D 4 26.50 -3.17 27.00
CA PHE D 4 27.08 -3.91 28.11
C PHE D 4 28.59 -4.01 27.95
N ASN D 5 29.28 -4.12 29.08
CA ASN D 5 30.71 -4.42 29.11
C ASN D 5 30.83 -5.94 29.13
N LYS D 6 30.85 -6.54 27.95
CA LYS D 6 30.66 -7.98 27.82
C LYS D 6 31.77 -8.77 28.50
N THR D 7 31.39 -9.90 29.09
CA THR D 7 32.31 -10.85 29.71
C THR D 7 31.93 -12.23 29.21
N LYS D 8 32.89 -12.95 28.60
CA LYS D 8 32.57 -14.24 28.00
C LYS D 8 32.17 -15.26 29.06
N SER D 9 33.01 -15.46 30.07
CA SER D 9 32.73 -16.42 31.13
C SER D 9 33.42 -15.98 32.41
N VAL D 10 32.99 -16.58 33.52
CA VAL D 10 33.61 -16.39 34.83
C VAL D 10 33.77 -17.75 35.49
N ASP D 11 34.95 -18.01 36.04
CA ASP D 11 35.23 -19.27 36.72
C ASP D 11 34.94 -19.13 38.21
N PHE D 12 34.58 -20.25 38.83
CA PHE D 12 34.47 -20.30 40.28
C PHE D 12 34.90 -21.69 40.74
N THR D 13 35.36 -21.75 41.99
CA THR D 13 35.74 -22.97 42.68
C THR D 13 34.87 -23.13 43.91
N PHE D 14 35.04 -24.25 44.62
CA PHE D 14 34.24 -24.48 45.82
C PHE D 14 34.58 -23.50 46.93
N GLY D 15 35.75 -22.85 46.86
CA GLY D 15 36.12 -21.86 47.84
C GLY D 15 35.33 -20.57 47.78
N ASN D 16 34.53 -20.37 46.73
CA ASN D 16 33.68 -19.19 46.62
C ASN D 16 32.44 -19.40 47.48
N ASP D 17 32.43 -18.76 48.66
CA ASP D 17 31.21 -18.75 49.45
C ASP D 17 30.10 -18.01 48.73
N THR D 18 30.44 -16.96 47.98
CA THR D 18 29.50 -16.21 47.18
C THR D 18 30.01 -16.15 45.75
N VAL D 19 29.13 -16.46 44.80
CA VAL D 19 29.44 -16.48 43.38
C VAL D 19 28.75 -15.29 42.72
N VAL D 20 29.51 -14.49 41.98
CA VAL D 20 28.99 -13.32 41.30
C VAL D 20 29.11 -13.52 39.79
N ILE D 21 28.04 -13.24 39.07
CA ILE D 21 28.01 -13.28 37.62
C ILE D 21 27.91 -11.84 37.11
N PRO D 22 28.92 -11.33 36.42
CA PRO D 22 28.97 -9.90 36.14
C PRO D 22 27.98 -9.46 35.07
N CYS D 23 27.36 -8.32 35.31
CA CYS D 23 26.52 -7.66 34.31
C CYS D 23 26.66 -6.16 34.52
N PHE D 24 27.16 -5.44 33.51
CA PHE D 24 27.45 -4.02 33.63
C PHE D 24 26.99 -3.29 32.38
N VAL D 25 26.15 -2.27 32.58
CA VAL D 25 25.63 -1.43 31.50
C VAL D 25 26.34 -0.10 31.53
N THR D 26 26.83 0.36 30.38
CA THR D 26 27.64 1.56 30.29
C THR D 26 26.85 2.82 29.92
N ASN D 27 25.67 2.67 29.31
CA ASN D 27 24.86 3.82 28.93
C ASN D 27 23.59 3.94 29.78
N MET D 28 23.64 3.42 31.00
CA MET D 28 22.57 3.62 31.97
C MET D 28 22.38 5.11 32.23
N GLU D 29 21.11 5.56 32.29
CA GLU D 29 20.90 6.97 32.54
C GLU D 29 19.66 7.26 33.41
N ALA D 30 19.20 6.30 34.21
CA ALA D 30 18.07 6.52 35.09
C ALA D 30 18.52 7.09 36.43
N GLN D 31 17.69 7.96 37.00
CA GLN D 31 17.95 8.56 38.30
C GLN D 31 17.13 7.93 39.42
N ASN D 32 16.37 6.87 39.13
CA ASN D 32 15.49 6.24 40.10
C ASN D 32 15.35 4.78 39.73
N THR D 33 15.41 3.89 40.72
CA THR D 33 15.34 2.45 40.41
C THR D 33 13.95 2.01 39.96
N THR D 34 12.93 2.88 40.07
CA THR D 34 11.58 2.50 39.65
C THR D 34 11.51 2.28 38.14
N GLU D 35 12.33 2.99 37.37
CA GLU D 35 12.30 2.85 35.91
C GLU D 35 13.24 1.76 35.41
N VAL D 36 13.70 0.87 36.27
CA VAL D 36 14.62 -0.20 35.90
C VAL D 36 13.93 -1.54 36.14
N TYR D 37 14.20 -2.49 35.25
CA TYR D 37 13.76 -3.86 35.40
C TYR D 37 14.94 -4.76 35.04
N VAL D 38 15.15 -5.81 35.83
CA VAL D 38 16.28 -6.71 35.64
C VAL D 38 15.74 -8.14 35.64
N LYS D 39 16.22 -8.94 34.69
CA LYS D 39 15.80 -10.33 34.53
C LYS D 39 17.03 -11.17 34.20
N TRP D 40 17.21 -12.25 34.94
CA TRP D 40 18.33 -13.17 34.74
C TRP D 40 17.76 -14.52 34.31
N LYS D 41 18.08 -14.93 33.08
CA LYS D 41 17.68 -16.22 32.54
C LYS D 41 18.81 -17.22 32.69
N PHE D 42 18.44 -18.48 32.88
CA PHE D 42 19.39 -19.60 32.90
C PHE D 42 18.76 -20.74 32.14
N LYS D 43 19.36 -21.11 31.01
CA LYS D 43 18.83 -22.13 30.11
C LYS D 43 17.41 -21.82 29.69
N GLY D 44 17.13 -20.54 29.42
CA GLY D 44 15.83 -20.15 28.92
C GLY D 44 14.89 -19.59 29.98
N ARG D 45 14.80 -20.25 31.13
CA ARG D 45 13.84 -19.83 32.13
C ARG D 45 14.41 -18.71 33.01
N ASP D 46 13.50 -17.87 33.51
CA ASP D 46 13.88 -16.79 34.41
C ASP D 46 14.18 -17.38 35.78
N ILE D 47 15.40 -17.16 36.27
CA ILE D 47 15.80 -17.59 37.59
C ILE D 47 15.97 -16.44 38.57
N TYR D 48 15.84 -15.19 38.12
CA TYR D 48 15.80 -14.03 39.00
C TYR D 48 15.24 -12.84 38.22
N THR D 49 14.25 -12.16 38.80
CA THR D 49 13.73 -10.92 38.26
C THR D 49 13.70 -9.84 39.34
N PHE D 50 13.83 -8.59 38.90
CA PHE D 50 13.71 -7.45 39.81
C PHE D 50 12.82 -6.40 39.16
N ASP D 51 11.63 -6.19 39.73
CA ASP D 51 10.75 -5.12 39.30
C ASP D 51 11.09 -3.87 40.12
N GLY D 52 11.74 -2.90 39.48
CA GLY D 52 12.09 -1.67 40.17
C GLY D 52 10.88 -0.81 40.51
N ALA D 53 9.81 -0.94 39.73
CA ALA D 53 8.60 -0.18 40.02
C ALA D 53 7.93 -0.69 41.29
N LEU D 54 7.73 -2.00 41.37
CA LEU D 54 7.13 -2.61 42.55
C LEU D 54 8.14 -2.80 43.69
N ASN D 55 9.44 -2.68 43.40
CA ASN D 55 10.49 -2.85 44.40
C ASN D 55 10.44 -4.25 45.01
N LYS D 56 10.30 -5.27 44.14
CA LYS D 56 10.19 -6.66 44.57
C LYS D 56 11.04 -7.55 43.66
N SER D 57 11.54 -8.64 44.23
CA SER D 57 12.36 -9.62 43.52
C SER D 57 11.69 -10.98 43.56
N THR D 58 11.93 -11.78 42.52
CA THR D 58 11.34 -13.10 42.41
C THR D 58 12.42 -14.12 42.06
N VAL D 59 12.40 -15.27 42.74
CA VAL D 59 13.31 -16.37 42.45
C VAL D 59 12.57 -17.70 42.51
N PRO D 60 12.88 -18.66 41.64
CA PRO D 60 12.33 -20.00 41.78
C PRO D 60 12.95 -20.72 42.97
N THR D 61 12.33 -21.85 43.33
CA THR D 61 12.74 -22.57 44.54
C THR D 61 14.17 -23.06 44.44
N ASP D 62 14.60 -23.55 43.25
CA ASP D 62 15.96 -24.06 43.11
C ASP D 62 17.02 -22.95 43.10
N PHE D 63 16.61 -21.69 42.98
CA PHE D 63 17.52 -20.56 43.06
C PHE D 63 17.18 -19.65 44.24
N SER D 64 17.10 -20.21 45.44
CA SER D 64 16.62 -19.45 46.58
C SER D 64 17.58 -18.36 47.04
N SER D 65 18.86 -18.46 46.69
CA SER D 65 19.86 -17.51 47.17
C SER D 65 20.17 -16.41 46.18
N ALA D 66 19.59 -16.46 44.98
CA ALA D 66 19.88 -15.45 43.97
C ALA D 66 19.43 -14.07 44.43
N LYS D 67 20.29 -13.08 44.25
CA LYS D 67 20.01 -11.70 44.63
C LYS D 67 20.94 -10.77 43.87
N ILE D 68 20.48 -9.55 43.62
CA ILE D 68 21.32 -8.48 43.10
C ILE D 68 21.23 -7.29 44.05
N GLU D 69 22.28 -6.47 44.03
CA GLU D 69 22.34 -5.28 44.86
C GLU D 69 21.64 -4.13 44.13
N VAL D 70 20.49 -3.70 44.66
CA VAL D 70 19.70 -2.68 43.99
C VAL D 70 20.38 -1.31 44.09
N SER D 71 21.21 -1.11 45.12
CA SER D 71 21.94 0.15 45.27
C SER D 71 22.87 0.45 44.10
N GLN D 72 23.27 -0.57 43.35
CA GLN D 72 24.24 -0.43 42.28
C GLN D 72 23.60 -0.38 40.89
N LEU D 73 22.28 -0.50 40.79
CA LEU D 73 21.62 -0.55 39.49
C LEU D 73 21.78 0.77 38.74
N LEU D 74 21.52 1.90 39.41
CA LEU D 74 21.58 3.18 38.71
C LEU D 74 22.96 3.45 38.13
N LYS D 75 24.01 2.90 38.76
CA LYS D 75 25.36 3.02 38.24
C LYS D 75 25.70 1.95 37.22
N GLY D 76 24.74 1.10 36.87
CA GLY D 76 24.89 0.15 35.79
C GLY D 76 25.23 -1.26 36.20
N ASP D 77 25.22 -1.57 37.49
CA ASP D 77 25.63 -2.88 37.98
C ASP D 77 24.41 -3.74 38.27
N ALA D 78 24.23 -4.79 37.47
CA ALA D 78 23.14 -5.74 37.66
C ALA D 78 23.68 -7.14 37.94
N SER D 79 24.88 -7.23 38.51
CA SER D 79 25.53 -8.52 38.71
C SER D 79 24.71 -9.42 39.63
N LEU D 80 24.67 -10.71 39.30
CA LEU D 80 23.85 -11.68 40.02
C LEU D 80 24.70 -12.40 41.05
N LYS D 81 24.26 -12.36 42.31
CA LYS D 81 24.98 -12.98 43.41
C LYS D 81 24.23 -14.21 43.90
N MET D 82 24.97 -15.26 44.22
CA MET D 82 24.38 -16.50 44.73
C MET D 82 25.41 -17.21 45.59
N ASP D 83 25.00 -18.33 46.16
CA ASP D 83 25.90 -19.13 46.99
C ASP D 83 26.50 -20.28 46.18
N LYS D 84 27.46 -20.98 46.79
CA LYS D 84 28.17 -22.03 46.07
C LYS D 84 27.24 -23.16 45.64
N SER D 85 26.24 -23.47 46.47
CA SER D 85 25.32 -24.56 46.17
C SER D 85 24.50 -24.26 44.92
N ASP D 86 23.81 -23.11 44.89
CA ASP D 86 23.11 -22.71 43.68
C ASP D 86 24.05 -22.61 42.49
N ALA D 87 25.34 -22.39 42.73
CA ALA D 87 26.30 -22.31 41.64
C ALA D 87 26.65 -23.69 41.10
N VAL D 88 27.10 -24.61 41.96
CA VAL D 88 27.45 -25.94 41.47
C VAL D 88 26.26 -26.62 40.83
N SER D 89 25.04 -26.32 41.30
CA SER D 89 23.85 -26.95 40.77
C SER D 89 23.36 -26.30 39.48
N HIS D 90 23.91 -25.14 39.09
CA HIS D 90 23.47 -24.42 37.90
C HIS D 90 24.72 -23.91 37.16
N THR D 91 25.34 -24.79 36.39
CA THR D 91 26.52 -24.47 35.59
C THR D 91 26.12 -24.37 34.13
N GLY D 92 26.43 -23.24 33.50
CA GLY D 92 26.08 -23.07 32.10
C GLY D 92 25.95 -21.59 31.76
N ASN D 93 25.19 -21.33 30.71
CA ASN D 93 25.04 -19.98 30.17
C ASN D 93 23.90 -19.24 30.86
N TYR D 94 24.21 -18.06 31.38
CA TYR D 94 23.23 -17.14 31.97
C TYR D 94 23.03 -15.94 31.05
N THR D 95 21.82 -15.40 31.06
CA THR D 95 21.50 -14.20 30.28
C THR D 95 21.08 -13.09 31.23
N CYS D 96 21.62 -11.90 31.02
CA CYS D 96 21.29 -10.72 31.82
C CYS D 96 20.49 -9.76 30.96
N GLU D 97 19.21 -9.60 31.28
CA GLU D 97 18.33 -8.67 30.57
C GLU D 97 18.02 -7.50 31.50
N VAL D 98 18.34 -6.30 31.05
CA VAL D 98 18.12 -5.08 31.82
C VAL D 98 17.22 -4.17 30.99
N THR D 99 16.15 -3.68 31.60
CA THR D 99 15.23 -2.75 30.97
C THR D 99 15.26 -1.43 31.73
N GLU D 100 15.30 -0.33 31.00
CA GLU D 100 15.22 1.02 31.58
C GLU D 100 14.24 1.81 30.71
N LEU D 101 12.99 1.88 31.18
CA LEU D 101 11.87 2.47 30.44
C LEU D 101 11.80 1.78 29.08
N THR D 102 11.78 2.52 27.97
CA THR D 102 11.70 1.90 26.65
C THR D 102 13.01 1.22 26.27
N ARG D 103 14.13 1.62 26.86
CA ARG D 103 15.39 1.02 26.48
C ARG D 103 15.60 -0.32 27.17
N GLU D 104 16.39 -1.18 26.53
CA GLU D 104 16.61 -2.54 27.00
C GLU D 104 17.91 -3.06 26.38
N GLY D 105 18.28 -4.26 26.80
CA GLY D 105 19.48 -4.92 26.30
C GLY D 105 19.75 -6.21 27.03
N GLU D 106 20.51 -7.12 26.41
CA GLU D 106 20.88 -8.37 27.04
C GLU D 106 22.33 -8.72 26.73
N THR D 107 22.93 -9.52 27.62
CA THR D 107 24.29 -10.04 27.47
C THR D 107 24.34 -11.43 28.07
N ILE D 108 25.25 -12.25 27.56
CA ILE D 108 25.40 -13.64 27.98
C ILE D 108 26.75 -13.79 28.69
N ILE D 109 26.73 -14.53 29.80
CA ILE D 109 27.93 -14.90 30.54
C ILE D 109 27.80 -16.36 30.93
N GLU D 110 28.83 -17.16 30.66
CA GLU D 110 28.85 -18.56 31.06
C GLU D 110 29.46 -18.70 32.45
N LEU D 111 28.83 -19.49 33.30
CA LEU D 111 29.40 -19.88 34.59
C LEU D 111 30.05 -21.25 34.43
N LYS D 112 31.37 -21.30 34.60
CA LYS D 112 32.14 -22.52 34.48
C LYS D 112 32.75 -22.87 35.83
N TYR D 113 33.09 -24.15 35.98
CA TYR D 113 33.83 -24.62 37.14
C TYR D 113 35.29 -24.87 36.76
N ARG D 114 36.21 -24.55 37.66
CA ARG D 114 37.64 -24.71 37.38
C ARG D 114 38.10 -26.14 37.60
C1 NAG E . 0.18 5.49 -57.57
C2 NAG E . 0.03 4.67 -56.29
C3 NAG E . 1.02 3.49 -56.32
C4 NAG E . 0.84 2.67 -57.59
C5 NAG E . 0.97 3.58 -58.81
C6 NAG E . 0.69 2.85 -60.11
C7 NAG E . -0.69 5.70 -54.19
C8 NAG E . -0.28 6.56 -53.03
N2 NAG E . 0.25 5.48 -55.11
O3 NAG E . 0.80 2.66 -55.18
O4 NAG E . 1.83 1.65 -57.65
O5 NAG E . 0.01 4.65 -58.73
O6 NAG E . -0.70 2.66 -60.31
O7 NAG E . -1.82 5.24 -54.29
C1 NAG F . -25.84 -3.33 -37.47
C2 NAG F . -26.80 -4.06 -38.42
C3 NAG F . -28.02 -3.19 -38.70
C4 NAG F . -28.69 -2.77 -37.40
C5 NAG F . -27.67 -2.06 -36.51
C6 NAG F . -28.23 -1.67 -35.16
C7 NAG F . -26.48 -5.40 -40.45
C8 NAG F . -25.65 -5.60 -41.69
N2 NAG F . -26.11 -4.39 -39.66
O3 NAG F . -28.96 -3.91 -39.50
O4 NAG F . -29.78 -1.89 -37.66
O5 NAG F . -26.55 -2.93 -36.26
O6 NAG F . -27.32 -1.94 -34.11
O7 NAG F . -27.43 -6.13 -40.18
C1 NAG G . 7.89 10.06 -40.67
C2 NAG G . 9.00 11.10 -40.78
C3 NAG G . 10.36 10.43 -40.97
C4 NAG G . 10.58 9.35 -39.91
C5 NAG G . 9.39 8.39 -39.88
C6 NAG G . 9.50 7.35 -38.78
C7 NAG G . 8.43 13.30 -41.72
C8 NAG G . 8.18 14.08 -42.98
N2 NAG G . 8.73 12.02 -41.89
O3 NAG G . 11.39 11.40 -40.88
O4 NAG G . 11.76 8.61 -40.22
O5 NAG G . 8.19 9.13 -39.63
O6 NAG G . 9.26 7.91 -37.50
O7 NAG G . 8.36 13.82 -40.62
C1 PGE H . -3.99 4.07 -30.47
O1 PGE H . -5.39 3.83 -30.60
C2 PGE H . -3.51 3.72 -29.07
O2 PGE H . -3.06 2.38 -29.00
C3 PGE H . -1.71 2.24 -28.57
C4 PGE H . -0.83 1.93 -29.76
O4 PGE H . -1.30 -1.79 -32.02
C6 PGE H . -0.23 -0.86 -31.91
C5 PGE H . -0.76 0.55 -31.70
O3 PGE H . -1.22 0.71 -30.37
C1 NAG I . 11.42 7.22 42.78
C2 NAG I . 11.64 8.29 43.86
C3 NAG I . 10.66 8.08 45.01
C4 NAG I . 9.22 8.03 44.49
C5 NAG I . 9.11 6.95 43.43
C6 NAG I . 7.72 6.86 42.80
C7 NAG I . 13.90 9.22 44.00
C8 NAG I . 15.27 9.06 44.60
N2 NAG I . 13.01 8.29 44.34
O3 NAG I . 10.80 9.13 45.96
O4 NAG I . 8.32 7.75 45.56
O5 NAG I . 10.04 7.22 42.36
O6 NAG I . 6.91 7.99 43.10
O7 NAG I . 13.62 10.15 43.26
C1 NAG J . 35.58 -16.57 43.34
C2 NAG J . 35.19 -15.59 42.22
C3 NAG J . 36.44 -15.06 41.51
C4 NAG J . 37.43 -14.47 42.52
C5 NAG J . 37.72 -15.48 43.63
C6 NAG J . 38.58 -14.90 44.73
C7 NAG J . 33.05 -15.75 41.03
C8 NAG J . 32.27 -16.51 39.98
N2 NAG J . 34.29 -16.21 41.26
O3 NAG J . 36.07 -14.07 40.57
O4 NAG J . 38.64 -14.14 41.85
O5 NAG J . 36.51 -15.92 44.24
O6 NAG J . 37.82 -14.11 45.63
O7 NAG J . 32.58 -14.79 41.62
C1 NAG K . 27.50 -20.98 26.20
C2 NAG K . 28.03 -22.40 25.97
C3 NAG K . 29.37 -22.35 25.25
C4 NAG K . 29.26 -21.51 23.98
C5 NAG K . 28.64 -20.15 24.27
C6 NAG K . 28.36 -19.34 23.03
C7 NAG K . 27.33 -24.14 27.57
C8 NAG K . 27.59 -24.77 28.90
N2 NAG K . 28.14 -23.13 27.23
O3 NAG K . 29.80 -23.66 24.93
O4 NAG K . 30.56 -21.32 23.42
O5 NAG K . 27.38 -20.31 24.95
O6 NAG K . 27.03 -18.84 23.03
O7 NAG K . 26.42 -24.51 26.83
C1 PGE L . 22.41 -5.72 23.26
O1 PGE L . 23.71 -6.28 23.11
C2 PGE L . 21.40 -6.85 23.19
O2 PGE L . 20.09 -6.31 23.04
C3 PGE L . 19.09 -7.27 22.72
C4 PGE L . 17.76 -6.55 22.58
O4 PGE L . 15.81 -7.96 26.54
C6 PGE L . 15.67 -7.38 25.24
C5 PGE L . 16.83 -7.82 24.37
O3 PGE L . 16.68 -7.34 23.06
#